data_5YIK
#
_entry.id   5YIK
#
_cell.length_a   108.846
_cell.length_b   145.893
_cell.length_c   104.088
_cell.angle_alpha   90.00
_cell.angle_beta   104.46
_cell.angle_gamma   90.00
#
_symmetry.space_group_name_H-M   'C 1 2 1'
#
loop_
_entity.id
_entity.type
_entity.pdbx_description
1 polymer SdeA
2 polymer ubiquitin
#
loop_
_entity_poly.entity_id
_entity_poly.type
_entity_poly.pdbx_seq_one_letter_code
_entity_poly.pdbx_strand_id
1 'polypeptide(L)'
;GFSLYTDDTVKAAAQYAYDNYLGKPYTGSVESAPANFGGRMVYRQHHGLSHTLRTMAYAELIVEEARKAKLRGETLGKFK
DGRTIADVTPQELKKIMIAQAFFVAGRDDEASDAKNYQKYHEQSRDAFLKYVKDNESTLIPDVFKDQEDVNFYARVIEDK
SHDWESTPAHVLINQGHMVDLVRVKQPPESFLQRYFSSMQRWIGSQATEAVFGIQRQFFHATYEVVAGFDSDNKEPHLVV
SGLGRYVIGEDGQPIREAPKKGQKEGDLKVFPQTYKLKENERLMRVDEFLKLPEIQNTFPGSGKHLQGGMPGMNEMDYWN
RLNSLNRARCENDVDFCLKQLQTAHDKAKIEPIKQAFQSSKGKERRQPNVDEIAAARIIQQILANPDCIHDDHVLINGQK
LEQQFFRDLLAKCEMAVVGSLLNDTDIGNIDTLMRHEKDTEFHSTNPEAVPVKIGEYWINDQRINNSSGNITQKKHDLIF
LMQNDAWYFSRVNAIAQNRDKGSTFKEVLITTLMTPLTSKALVDTSQAKPPTRLFRGLNLSEEFTKGLIDQANAMIANTT
ERLFTDHSPEAFKQIKLNDLSKMSGRTNASTTTEIKLVKETWDSNVIFEMLDPDGLLHSKQVGRHGEGTESEFSVYLPED
VALVPVKVTLDGKTQKGENRYVFTFVAVKSPDFTPRHESGYAVEPFLRMQAAKLAEVKSSIEKAQRAPDLETIFNLQNEV
EAVQYSHLSTGYKNFLKNTVGPVLENSLSGLMESDTDTLSKALAAFPSDTQWSAFNFEEARQAKRQMDAIKQMVGNKVVL
DALTQCQDALEKQNIAGALDALKKIPSEKEMGTIRRELREQIQSARQELESLQRAVVTPVVTDEKKVRERYDALIENTSK
KITELETGKLPNLDAVKKGISNLSNLKQEVTVLRNEKIRMHVGTDKVDFSDVEKLEQQIQVIDTKLADAYLLEVTKQISA
LEHHHHHH
;
A
2 'polypeptide(L)' SHMQIFVKTLTGKTITLEVEPSDTIENVKAKIQDKEGIPPDQQRLIFAGKQLEDGRTLSDYNIQKESTLHLVLRLRGG C,D,F
#
# COMPACT_ATOMS: atom_id res chain seq x y z
N GLY A 1 -11.25 -23.52 14.98
CA GLY A 1 -10.44 -24.37 14.13
C GLY A 1 -11.28 -25.29 13.28
N PHE A 2 -12.56 -25.40 13.61
CA PHE A 2 -13.47 -26.27 12.90
C PHE A 2 -13.99 -25.65 11.61
N SER A 3 -14.05 -26.44 10.55
CA SER A 3 -14.70 -26.03 9.31
C SER A 3 -15.29 -27.24 8.60
N LEU A 4 -16.29 -27.00 7.76
CA LEU A 4 -16.89 -28.07 6.99
C LEU A 4 -15.82 -28.74 6.15
N TYR A 5 -15.13 -27.93 5.37
CA TYR A 5 -14.26 -28.41 4.29
C TYR A 5 -13.02 -29.13 4.79
N THR A 6 -12.77 -29.09 6.10
CA THR A 6 -11.58 -29.71 6.66
C THR A 6 -11.88 -30.85 7.65
N ASP A 7 -12.90 -30.67 8.47
CA ASP A 7 -13.27 -31.65 9.48
C ASP A 7 -13.63 -32.99 8.84
N ASP A 8 -12.88 -34.04 9.16
CA ASP A 8 -13.04 -35.33 8.51
C ASP A 8 -14.25 -36.11 9.03
N THR A 9 -14.73 -35.74 10.20
CA THR A 9 -15.89 -36.39 10.79
C THR A 9 -17.15 -36.08 9.99
N VAL A 10 -17.35 -34.80 9.71
CA VAL A 10 -18.45 -34.34 8.87
C VAL A 10 -18.42 -35.02 7.51
N LYS A 11 -17.23 -35.04 6.90
CA LYS A 11 -17.04 -35.65 5.59
C LYS A 11 -17.37 -37.13 5.64
N ALA A 12 -16.99 -37.78 6.73
CA ALA A 12 -17.31 -39.20 6.92
C ALA A 12 -18.82 -39.39 6.90
N ALA A 13 -19.53 -38.55 7.66
CA ALA A 13 -20.99 -38.62 7.71
C ALA A 13 -21.61 -38.45 6.32
N ALA A 14 -21.17 -37.42 5.60
CA ALA A 14 -21.69 -37.15 4.26
C ALA A 14 -21.42 -38.32 3.32
N GLN A 15 -20.21 -38.86 3.40
CA GLN A 15 -19.81 -40.01 2.59
C GLN A 15 -20.73 -41.18 2.87
N TYR A 16 -21.01 -41.42 4.15
CA TYR A 16 -21.93 -42.46 4.57
C TYR A 16 -23.29 -42.27 3.90
N ALA A 17 -23.84 -41.05 4.03
CA ALA A 17 -25.12 -40.73 3.44
C ALA A 17 -25.14 -40.99 1.94
N TYR A 18 -24.02 -40.70 1.27
CA TYR A 18 -23.91 -40.94 -0.17
C TYR A 18 -23.89 -42.43 -0.48
N ASP A 19 -23.12 -43.19 0.30
CA ASP A 19 -22.94 -44.61 0.08
C ASP A 19 -24.24 -45.39 0.28
N ASN A 20 -25.03 -45.00 1.28
CA ASN A 20 -26.17 -45.83 1.69
C ASN A 20 -27.54 -45.36 1.21
N TYR A 21 -27.73 -44.06 1.09
CA TYR A 21 -29.04 -43.53 0.73
C TYR A 21 -28.98 -42.62 -0.50
N LEU A 22 -28.10 -41.63 -0.46
CA LEU A 22 -28.07 -40.58 -1.47
C LEU A 22 -27.58 -41.06 -2.83
N GLY A 23 -26.62 -41.98 -2.84
CA GLY A 23 -26.08 -42.50 -4.08
C GLY A 23 -26.85 -43.69 -4.62
N LYS A 24 -27.90 -44.07 -3.92
CA LYS A 24 -28.73 -45.20 -4.32
C LYS A 24 -29.92 -44.73 -5.16
N PRO A 25 -30.23 -45.48 -6.24
CA PRO A 25 -31.31 -45.16 -7.17
C PRO A 25 -32.64 -44.89 -6.48
N TYR A 26 -33.42 -43.98 -7.05
CA TYR A 26 -34.71 -43.62 -6.48
C TYR A 26 -35.66 -44.81 -6.44
N THR A 27 -36.04 -45.21 -5.22
CA THR A 27 -36.99 -46.29 -5.01
C THR A 27 -38.43 -45.75 -5.05
N GLY A 28 -38.63 -44.68 -5.80
CA GLY A 28 -39.94 -44.08 -5.93
C GLY A 28 -40.59 -44.40 -7.26
N SER A 29 -41.61 -43.62 -7.62
CA SER A 29 -42.40 -43.92 -8.81
C SER A 29 -42.52 -42.70 -9.73
N VAL A 30 -42.96 -41.57 -9.16
CA VAL A 30 -43.20 -40.37 -9.95
C VAL A 30 -41.98 -39.43 -9.93
N GLU A 31 -41.51 -39.07 -11.12
CA GLU A 31 -40.34 -38.21 -11.28
C GLU A 31 -39.14 -38.76 -10.51
N SER A 32 -38.93 -40.06 -10.64
CA SER A 32 -37.82 -40.73 -9.99
C SER A 32 -36.76 -41.11 -11.01
N ALA A 33 -36.86 -40.50 -12.19
CA ALA A 33 -35.96 -40.80 -13.30
C ALA A 33 -34.53 -40.36 -13.02
N PRO A 34 -33.56 -41.21 -13.39
CA PRO A 34 -32.13 -40.90 -13.24
C PRO A 34 -31.69 -39.87 -14.28
N ALA A 35 -30.65 -39.11 -13.96
CA ALA A 35 -30.20 -38.06 -14.85
C ALA A 35 -28.81 -38.35 -15.42
N ASN A 36 -28.61 -37.97 -16.68
CA ASN A 36 -27.34 -38.17 -17.34
C ASN A 36 -26.68 -36.84 -17.70
N PHE A 37 -25.53 -36.58 -17.08
CA PHE A 37 -24.77 -35.38 -17.37
C PHE A 37 -23.38 -35.74 -17.89
N GLY A 38 -23.12 -35.40 -19.15
CA GLY A 38 -21.84 -35.65 -19.76
C GLY A 38 -21.55 -37.12 -20.00
N GLY A 39 -22.58 -37.95 -19.92
CA GLY A 39 -22.40 -39.38 -20.11
C GLY A 39 -22.07 -40.09 -18.83
N ARG A 40 -22.41 -39.48 -17.70
CA ARG A 40 -22.19 -40.08 -16.39
C ARG A 40 -23.49 -40.01 -15.59
N MET A 41 -23.76 -41.05 -14.81
CA MET A 41 -25.09 -41.21 -14.23
C MET A 41 -25.21 -40.71 -12.80
N VAL A 42 -26.25 -39.92 -12.56
CA VAL A 42 -26.61 -39.46 -11.22
C VAL A 42 -28.09 -39.71 -10.98
N TYR A 43 -28.40 -40.34 -9.85
CA TYR A 43 -29.75 -40.84 -9.59
C TYR A 43 -30.68 -39.79 -9.01
N ARG A 44 -30.10 -38.86 -8.24
CA ARG A 44 -30.89 -37.81 -7.59
C ARG A 44 -30.33 -36.43 -7.92
N GLN A 45 -30.80 -35.84 -9.02
CA GLN A 45 -30.26 -34.55 -9.45
C GLN A 45 -30.90 -33.37 -8.72
N HIS A 46 -32.08 -33.60 -8.15
CA HIS A 46 -32.79 -32.54 -7.42
C HIS A 46 -32.46 -32.56 -5.92
N HIS A 47 -32.25 -33.74 -5.37
CA HIS A 47 -31.95 -33.87 -3.95
C HIS A 47 -30.81 -34.86 -3.69
N GLY A 48 -29.69 -34.68 -4.39
CA GLY A 48 -28.58 -35.59 -4.28
C GLY A 48 -27.52 -35.15 -3.29
N LEU A 49 -26.27 -35.46 -3.60
CA LEU A 49 -25.15 -35.12 -2.74
C LEU A 49 -24.85 -33.63 -2.76
N SER A 50 -24.88 -33.06 -3.98
CA SER A 50 -24.64 -31.64 -4.17
C SER A 50 -25.59 -30.82 -3.32
N HIS A 51 -26.84 -31.25 -3.27
CA HIS A 51 -27.85 -30.55 -2.49
C HIS A 51 -27.46 -30.47 -1.01
N THR A 52 -27.38 -31.63 -0.36
CA THR A 52 -27.12 -31.67 1.07
C THR A 52 -25.79 -31.00 1.43
N LEU A 53 -24.77 -31.23 0.59
CA LEU A 53 -23.47 -30.60 0.83
C LEU A 53 -23.57 -29.08 0.75
N ARG A 54 -24.31 -28.60 -0.25
CA ARG A 54 -24.53 -27.18 -0.40
C ARG A 54 -25.26 -26.61 0.80
N THR A 55 -26.18 -27.38 1.39
CA THR A 55 -26.91 -26.90 2.54
C THR A 55 -26.01 -26.81 3.78
N MET A 56 -25.12 -27.78 3.94
CA MET A 56 -24.14 -27.70 5.01
C MET A 56 -23.26 -26.47 4.83
N ALA A 57 -22.86 -26.23 3.58
CA ALA A 57 -22.08 -25.04 3.24
C ALA A 57 -22.86 -23.78 3.58
N TYR A 58 -24.17 -23.82 3.34
CA TYR A 58 -25.04 -22.71 3.69
C TYR A 58 -24.97 -22.48 5.19
N ALA A 59 -24.96 -23.55 5.96
CA ALA A 59 -24.85 -23.42 7.41
C ALA A 59 -23.54 -22.72 7.80
N GLU A 60 -22.43 -23.17 7.23
CA GLU A 60 -21.13 -22.52 7.44
C GLU A 60 -21.19 -21.03 7.12
N LEU A 61 -21.70 -20.73 5.93
CA LEU A 61 -21.81 -19.37 5.41
C LEU A 61 -22.64 -18.47 6.29
N ILE A 62 -23.88 -18.88 6.54
CA ILE A 62 -24.83 -18.09 7.32
C ILE A 62 -24.32 -17.87 8.74
N VAL A 63 -23.68 -18.87 9.32
CA VAL A 63 -23.08 -18.66 10.64
C VAL A 63 -21.96 -17.64 10.55
N GLU A 64 -21.11 -17.76 9.53
CA GLU A 64 -20.00 -16.82 9.34
C GLU A 64 -20.48 -15.37 9.23
N GLU A 65 -21.44 -15.16 8.34
CA GLU A 65 -21.97 -13.83 8.08
C GLU A 65 -22.74 -13.31 9.29
N ALA A 66 -23.31 -14.23 10.08
CA ALA A 66 -24.00 -13.85 11.30
C ALA A 66 -23.00 -13.30 12.29
N ARG A 67 -21.90 -14.02 12.47
CA ARG A 67 -20.85 -13.57 13.37
C ARG A 67 -20.23 -12.26 12.90
N LYS A 68 -20.12 -12.09 11.58
CA LYS A 68 -19.65 -10.82 11.03
C LYS A 68 -20.63 -9.69 11.38
N ALA A 69 -21.91 -9.99 11.21
CA ALA A 69 -22.98 -9.05 11.54
C ALA A 69 -22.91 -8.60 12.99
N LYS A 70 -22.68 -9.55 13.89
CA LYS A 70 -22.57 -9.23 15.30
C LYS A 70 -21.27 -8.47 15.57
N LEU A 71 -20.26 -8.71 14.73
CA LEU A 71 -18.97 -8.05 14.91
C LEU A 71 -19.08 -6.60 14.47
N ARG A 72 -19.96 -6.35 13.50
CA ARG A 72 -20.43 -5.00 13.23
C ARG A 72 -21.42 -4.67 14.34
N GLY A 73 -21.72 -3.41 14.55
CA GLY A 73 -22.58 -3.04 15.67
C GLY A 73 -24.01 -3.55 15.65
N GLU A 74 -24.32 -4.50 14.76
CA GLU A 74 -25.70 -4.91 14.53
C GLU A 74 -26.27 -5.77 15.64
N THR A 75 -27.59 -5.92 15.64
CA THR A 75 -28.30 -6.71 16.64
C THR A 75 -29.17 -7.77 15.99
N LEU A 76 -28.70 -9.00 15.99
CA LEU A 76 -29.40 -10.07 15.29
C LEU A 76 -30.68 -10.48 16.02
N GLY A 77 -31.49 -11.31 15.35
CA GLY A 77 -32.78 -11.71 15.88
C GLY A 77 -32.67 -12.77 16.96
N LYS A 78 -33.17 -12.46 18.15
CA LYS A 78 -33.08 -13.36 19.29
C LYS A 78 -34.18 -14.42 19.28
N PHE A 79 -33.84 -15.60 19.79
CA PHE A 79 -34.81 -16.68 19.96
C PHE A 79 -35.40 -16.61 21.37
N LYS A 80 -36.00 -17.71 21.82
CA LYS A 80 -36.62 -17.75 23.15
C LYS A 80 -35.61 -17.40 24.24
N ASP A 81 -34.47 -18.08 24.23
CA ASP A 81 -33.33 -17.66 25.04
C ASP A 81 -32.61 -16.57 24.25
N GLY A 82 -31.75 -15.81 24.92
CA GLY A 82 -31.11 -14.67 24.29
C GLY A 82 -30.08 -14.97 23.23
N ARG A 83 -30.21 -16.12 22.58
CA ARG A 83 -29.23 -16.55 21.58
C ARG A 83 -29.60 -16.07 20.19
N THR A 84 -28.57 -15.73 19.42
CA THR A 84 -28.74 -15.40 18.00
C THR A 84 -27.90 -16.38 17.19
N ILE A 85 -28.13 -16.43 15.87
CA ILE A 85 -27.37 -17.33 15.01
C ILE A 85 -25.87 -17.12 15.18
N ALA A 86 -25.48 -15.90 15.52
CA ALA A 86 -24.09 -15.55 15.75
C ALA A 86 -23.58 -16.08 17.10
N ASP A 87 -24.39 -16.87 17.79
CA ASP A 87 -23.98 -17.48 19.05
C ASP A 87 -23.76 -18.98 18.88
N VAL A 88 -23.99 -19.47 17.66
CA VAL A 88 -23.74 -20.86 17.33
C VAL A 88 -22.26 -21.20 17.46
N THR A 89 -21.95 -22.22 18.25
CA THR A 89 -20.57 -22.64 18.47
C THR A 89 -20.12 -23.64 17.40
N PRO A 90 -18.79 -23.76 17.20
CA PRO A 90 -18.23 -24.74 16.25
C PRO A 90 -18.72 -26.16 16.48
N GLN A 91 -18.82 -26.58 17.74
CA GLN A 91 -19.27 -27.93 18.05
C GLN A 91 -20.76 -28.09 17.74
N GLU A 92 -21.54 -27.11 18.17
CA GLU A 92 -22.96 -27.06 17.85
C GLU A 92 -23.16 -27.10 16.35
N LEU A 93 -22.39 -26.28 15.65
CA LEU A 93 -22.43 -26.21 14.19
C LEU A 93 -22.09 -27.57 13.56
N LYS A 94 -21.11 -28.26 14.14
CA LYS A 94 -20.74 -29.59 13.65
C LYS A 94 -21.92 -30.54 13.78
N LYS A 95 -22.53 -30.57 14.96
CA LYS A 95 -23.74 -31.36 15.18
C LYS A 95 -24.77 -31.06 14.09
N ILE A 96 -25.01 -29.76 13.87
CA ILE A 96 -26.00 -29.30 12.90
C ILE A 96 -25.70 -29.83 11.50
N MET A 97 -24.42 -29.87 11.14
CA MET A 97 -24.05 -30.32 9.81
C MET A 97 -24.19 -31.84 9.66
N ILE A 98 -23.65 -32.58 10.63
CA ILE A 98 -23.76 -34.04 10.64
C ILE A 98 -25.22 -34.46 10.55
N ALA A 99 -26.10 -33.73 11.23
CA ALA A 99 -27.52 -33.93 11.10
C ALA A 99 -27.98 -33.58 9.69
N GLN A 100 -27.42 -32.50 9.16
CA GLN A 100 -27.86 -31.96 7.89
C GLN A 100 -27.56 -32.87 6.72
N ALA A 101 -26.63 -33.81 6.93
CA ALA A 101 -26.28 -34.79 5.90
C ALA A 101 -27.46 -35.68 5.51
N PHE A 102 -28.20 -36.15 6.52
CA PHE A 102 -29.24 -37.16 6.31
C PHE A 102 -30.64 -36.58 6.11
N PHE A 103 -30.75 -35.25 6.22
CA PHE A 103 -32.03 -34.55 6.18
C PHE A 103 -32.88 -34.91 4.95
N VAL A 104 -32.23 -35.32 3.88
CA VAL A 104 -32.92 -35.65 2.65
C VAL A 104 -32.55 -37.07 2.20
N ALA A 105 -31.90 -37.81 3.10
CA ALA A 105 -31.47 -39.17 2.80
C ALA A 105 -32.60 -40.19 2.92
N GLY A 106 -33.70 -39.78 3.54
CA GLY A 106 -34.83 -40.67 3.73
C GLY A 106 -35.85 -40.62 2.60
N ARG A 107 -35.47 -40.00 1.50
CA ARG A 107 -36.37 -39.85 0.37
C ARG A 107 -36.41 -41.12 -0.48
N ASP A 108 -37.55 -41.34 -1.13
CA ASP A 108 -37.70 -42.44 -2.08
C ASP A 108 -38.15 -41.90 -3.42
N ASP A 109 -39.32 -41.27 -3.43
CA ASP A 109 -39.82 -40.60 -4.62
C ASP A 109 -39.60 -39.10 -4.45
N GLU A 110 -39.82 -38.34 -5.51
CA GLU A 110 -39.63 -36.90 -5.49
C GLU A 110 -40.92 -36.16 -5.11
N ALA A 111 -42.00 -36.92 -4.96
CA ALA A 111 -43.32 -36.36 -4.69
C ALA A 111 -43.34 -35.42 -3.47
N SER A 112 -44.23 -34.44 -3.52
CA SER A 112 -44.27 -33.38 -2.50
C SER A 112 -45.46 -33.53 -1.56
N ASP A 113 -46.32 -34.49 -1.85
CA ASP A 113 -47.55 -34.68 -1.08
C ASP A 113 -47.26 -34.97 0.39
N ALA A 114 -48.09 -34.38 1.26
CA ALA A 114 -47.86 -34.35 2.70
C ALA A 114 -47.52 -35.69 3.34
N LYS A 115 -48.21 -36.74 2.92
CA LYS A 115 -47.97 -38.08 3.45
C LYS A 115 -46.56 -38.55 3.10
N ASN A 116 -46.17 -38.34 1.85
CA ASN A 116 -44.82 -38.64 1.41
C ASN A 116 -43.80 -37.82 2.18
N TYR A 117 -44.18 -36.60 2.54
CA TYR A 117 -43.33 -35.70 3.32
C TYR A 117 -43.05 -36.29 4.70
N GLN A 118 -44.12 -36.56 5.44
CA GLN A 118 -44.02 -37.16 6.76
C GLN A 118 -43.21 -38.46 6.70
N LYS A 119 -43.53 -39.30 5.73
CA LYS A 119 -42.85 -40.59 5.56
C LYS A 119 -41.35 -40.42 5.34
N TYR A 120 -40.98 -39.56 4.39
CA TYR A 120 -39.59 -39.37 4.03
C TYR A 120 -38.79 -38.75 5.15
N HIS A 121 -39.42 -37.87 5.93
CA HIS A 121 -38.74 -37.30 7.08
C HIS A 121 -38.60 -38.32 8.21
N GLU A 122 -39.57 -39.23 8.31
CA GLU A 122 -39.46 -40.37 9.21
C GLU A 122 -38.21 -41.17 8.85
N GLN A 123 -38.11 -41.54 7.58
CA GLN A 123 -36.97 -42.32 7.09
C GLN A 123 -35.65 -41.56 7.25
N SER A 124 -35.73 -40.24 7.16
CA SER A 124 -34.55 -39.39 7.30
C SER A 124 -34.03 -39.41 8.73
N ARG A 125 -34.92 -39.12 9.69
CA ARG A 125 -34.53 -39.11 11.09
C ARG A 125 -34.09 -40.51 11.52
N ASP A 126 -34.67 -41.53 10.89
CA ASP A 126 -34.29 -42.90 11.15
C ASP A 126 -32.87 -43.18 10.65
N ALA A 127 -32.57 -42.70 9.45
CA ALA A 127 -31.24 -42.86 8.87
C ALA A 127 -30.19 -42.22 9.76
N PHE A 128 -30.46 -40.97 10.15
CA PHE A 128 -29.59 -40.26 11.07
C PHE A 128 -29.39 -41.05 12.36
N LEU A 129 -30.48 -41.49 12.97
CA LEU A 129 -30.42 -42.24 14.23
C LEU A 129 -29.57 -43.50 14.10
N LYS A 130 -29.72 -44.20 12.98
CA LYS A 130 -28.90 -45.37 12.68
C LYS A 130 -27.41 -45.00 12.64
N TYR A 131 -27.07 -44.03 11.81
CA TYR A 131 -25.68 -43.63 11.65
C TYR A 131 -25.04 -43.23 12.98
N VAL A 132 -25.77 -42.44 13.77
CA VAL A 132 -25.25 -42.01 15.06
C VAL A 132 -25.08 -43.21 15.99
N LYS A 133 -26.08 -44.07 16.01
CA LYS A 133 -26.08 -45.25 16.86
C LYS A 133 -24.89 -46.15 16.59
N ASP A 134 -24.53 -46.29 15.32
CA ASP A 134 -23.41 -47.16 14.93
C ASP A 134 -22.06 -46.62 15.42
N ASN A 135 -21.79 -45.35 15.13
CA ASN A 135 -20.54 -44.73 15.56
C ASN A 135 -20.69 -44.00 16.89
N GLU A 136 -21.60 -44.49 17.71
CA GLU A 136 -21.86 -43.94 19.04
C GLU A 136 -20.60 -43.78 19.87
N SER A 137 -19.70 -44.74 19.74
CA SER A 137 -18.48 -44.80 20.56
C SER A 137 -17.51 -43.67 20.23
N THR A 138 -17.66 -43.06 19.06
CA THR A 138 -16.79 -41.96 18.65
C THR A 138 -17.47 -40.61 18.80
N LEU A 139 -18.78 -40.58 18.55
CA LEU A 139 -19.54 -39.34 18.61
C LEU A 139 -20.00 -39.00 20.03
N ILE A 140 -20.80 -39.89 20.62
CA ILE A 140 -21.47 -39.63 21.89
C ILE A 140 -20.56 -39.10 23.02
N PRO A 141 -19.31 -39.59 23.12
CA PRO A 141 -18.49 -38.95 24.16
C PRO A 141 -18.13 -37.47 23.89
N ASP A 142 -17.70 -37.12 22.68
CA ASP A 142 -17.15 -35.78 22.46
C ASP A 142 -17.86 -34.94 21.40
N VAL A 143 -18.29 -35.56 20.30
CA VAL A 143 -19.03 -34.83 19.27
C VAL A 143 -20.39 -34.39 19.80
N PHE A 144 -21.12 -35.35 20.36
CA PHE A 144 -22.37 -35.05 21.05
C PHE A 144 -22.18 -35.16 22.55
N LYS A 145 -23.17 -34.67 23.30
CA LYS A 145 -23.11 -34.69 24.76
C LYS A 145 -23.74 -35.96 25.29
N ASP A 146 -24.88 -36.32 24.70
CA ASP A 146 -25.65 -37.48 25.13
C ASP A 146 -26.70 -37.82 24.08
N GLN A 147 -27.43 -38.90 24.28
CA GLN A 147 -28.47 -39.32 23.35
C GLN A 147 -29.61 -38.29 23.33
N GLU A 148 -29.66 -37.47 24.37
CA GLU A 148 -30.61 -36.36 24.44
C GLU A 148 -30.36 -35.37 23.30
N ASP A 149 -29.10 -34.99 23.11
CA ASP A 149 -28.69 -34.11 22.03
C ASP A 149 -29.08 -34.66 20.66
N VAL A 150 -28.61 -35.87 20.39
CA VAL A 150 -28.83 -36.49 19.08
C VAL A 150 -30.34 -36.69 18.87
N ASN A 151 -31.08 -36.80 19.95
CA ASN A 151 -32.54 -36.88 19.85
C ASN A 151 -33.13 -35.54 19.48
N PHE A 152 -32.54 -34.47 20.01
CA PHE A 152 -32.98 -33.14 19.65
C PHE A 152 -32.82 -32.94 18.15
N TYR A 153 -31.61 -33.15 17.64
CA TYR A 153 -31.36 -32.94 16.21
C TYR A 153 -32.18 -33.90 15.34
N ALA A 154 -32.33 -35.15 15.79
CA ALA A 154 -33.17 -36.10 15.06
C ALA A 154 -34.61 -35.61 14.99
N ARG A 155 -35.06 -34.99 16.07
CA ARG A 155 -36.40 -34.44 16.14
C ARG A 155 -36.53 -33.28 15.17
N VAL A 156 -35.43 -32.55 15.00
CA VAL A 156 -35.41 -31.46 14.03
C VAL A 156 -35.53 -32.01 12.61
N ILE A 157 -34.85 -33.13 12.34
CA ILE A 157 -34.95 -33.76 11.03
C ILE A 157 -36.35 -34.29 10.77
N GLU A 158 -36.97 -34.86 11.81
CA GLU A 158 -38.29 -35.46 11.70
C GLU A 158 -39.32 -34.44 11.24
N ASP A 159 -39.32 -33.27 11.87
CA ASP A 159 -40.23 -32.17 11.52
C ASP A 159 -41.68 -32.64 11.50
N LYS A 160 -42.09 -33.38 12.54
CA LYS A 160 -43.47 -33.79 12.68
C LYS A 160 -44.33 -32.55 12.87
N SER A 161 -43.91 -31.71 13.79
CA SER A 161 -44.47 -30.37 13.93
C SER A 161 -44.01 -29.54 12.75
N HIS A 162 -44.73 -28.47 12.43
CA HIS A 162 -44.35 -27.63 11.30
C HIS A 162 -43.54 -26.42 11.75
N ASP A 163 -43.04 -26.48 12.99
CA ASP A 163 -42.14 -25.46 13.51
C ASP A 163 -40.82 -25.47 12.76
N TRP A 164 -40.29 -24.28 12.46
CA TRP A 164 -39.05 -24.16 11.71
C TRP A 164 -38.08 -23.14 12.33
N GLU A 165 -38.57 -22.31 13.23
CA GLU A 165 -37.79 -21.16 13.71
C GLU A 165 -37.66 -21.07 15.23
N SER A 166 -37.62 -22.21 15.90
CA SER A 166 -37.60 -22.22 17.36
C SER A 166 -36.19 -22.03 17.94
N THR A 167 -35.20 -22.54 17.22
CA THR A 167 -33.80 -22.49 17.66
C THR A 167 -32.88 -22.15 16.48
N PRO A 168 -31.62 -21.79 16.78
CA PRO A 168 -30.67 -21.62 15.68
C PRO A 168 -30.61 -22.85 14.77
N ALA A 169 -30.47 -24.02 15.36
CA ALA A 169 -30.37 -25.27 14.61
C ALA A 169 -31.53 -25.40 13.63
N HIS A 170 -32.73 -25.13 14.11
CA HIS A 170 -33.92 -25.22 13.29
C HIS A 170 -33.87 -24.32 12.07
N VAL A 171 -33.62 -23.03 12.32
CA VAL A 171 -33.54 -22.04 11.25
C VAL A 171 -32.49 -22.43 10.22
N LEU A 172 -31.29 -22.76 10.70
CA LEU A 172 -30.19 -23.13 9.83
C LEU A 172 -30.54 -24.32 8.94
N ILE A 173 -31.04 -25.39 9.54
CA ILE A 173 -31.33 -26.60 8.78
C ILE A 173 -32.48 -26.40 7.79
N ASN A 174 -33.58 -25.79 8.24
CA ASN A 174 -34.74 -25.65 7.37
C ASN A 174 -34.55 -24.62 6.26
N GLN A 175 -34.12 -23.42 6.63
CA GLN A 175 -33.85 -22.38 5.64
C GLN A 175 -32.71 -22.80 4.72
N GLY A 176 -31.64 -23.32 5.31
CA GLY A 176 -30.54 -23.86 4.54
C GLY A 176 -31.02 -24.89 3.55
N HIS A 177 -32.04 -25.65 3.92
CA HIS A 177 -32.63 -26.60 3.01
C HIS A 177 -33.35 -25.92 1.86
N MET A 178 -34.28 -25.02 2.17
CA MET A 178 -35.15 -24.50 1.11
C MET A 178 -34.48 -23.46 0.20
N VAL A 179 -33.51 -22.71 0.71
CA VAL A 179 -32.90 -21.65 -0.09
C VAL A 179 -32.18 -22.19 -1.32
N ASP A 180 -31.92 -23.49 -1.33
CA ASP A 180 -31.22 -24.11 -2.44
C ASP A 180 -32.13 -24.22 -3.66
N LEU A 181 -33.36 -23.75 -3.51
CA LEU A 181 -34.36 -23.85 -4.57
C LEU A 181 -34.32 -22.65 -5.52
N VAL A 182 -33.42 -21.70 -5.25
CA VAL A 182 -33.29 -20.51 -6.09
C VAL A 182 -32.97 -20.88 -7.53
N ARG A 183 -32.11 -21.89 -7.69
CA ARG A 183 -31.64 -22.32 -9.00
C ARG A 183 -32.72 -22.95 -9.88
N VAL A 184 -33.79 -23.43 -9.28
CA VAL A 184 -34.83 -24.07 -10.04
C VAL A 184 -36.19 -23.39 -10.02
N LYS A 185 -36.52 -22.70 -8.95
CA LYS A 185 -37.80 -22.07 -8.90
C LYS A 185 -37.79 -20.76 -9.62
N GLN A 186 -38.80 -20.54 -10.42
CA GLN A 186 -39.05 -19.32 -11.13
C GLN A 186 -40.47 -19.09 -10.81
N PRO A 187 -40.92 -17.87 -10.87
CA PRO A 187 -40.07 -16.76 -11.22
C PRO A 187 -39.05 -16.56 -10.15
N PRO A 188 -37.85 -16.12 -10.45
CA PRO A 188 -36.84 -15.89 -9.43
C PRO A 188 -37.12 -14.74 -8.52
N GLU A 189 -37.65 -13.68 -9.07
CA GLU A 189 -37.77 -12.47 -8.33
C GLU A 189 -38.71 -12.67 -7.19
N SER A 190 -39.70 -13.50 -7.38
CA SER A 190 -40.67 -13.77 -6.35
C SER A 190 -40.14 -14.54 -5.17
N PHE A 191 -39.39 -15.58 -5.44
CA PHE A 191 -38.83 -16.40 -4.42
C PHE A 191 -37.74 -15.73 -3.70
N LEU A 192 -36.87 -15.06 -4.43
CA LEU A 192 -35.71 -14.38 -3.84
C LEU A 192 -36.15 -13.33 -2.83
N GLN A 193 -37.22 -12.60 -3.13
CA GLN A 193 -37.77 -11.64 -2.18
C GLN A 193 -38.27 -12.37 -0.93
N ARG A 194 -38.90 -13.52 -1.13
CA ARG A 194 -39.43 -14.29 -0.02
C ARG A 194 -38.33 -14.80 0.90
N TYR A 195 -37.39 -15.56 0.32
CA TYR A 195 -36.28 -16.12 1.08
C TYR A 195 -35.47 -15.04 1.77
N PHE A 196 -35.23 -13.95 1.04
CA PHE A 196 -34.48 -12.82 1.59
C PHE A 196 -35.18 -12.29 2.83
N SER A 197 -36.47 -12.02 2.70
CA SER A 197 -37.23 -11.49 3.82
C SER A 197 -37.23 -12.47 4.99
N SER A 198 -37.19 -13.76 4.67
CA SER A 198 -37.22 -14.80 5.70
C SER A 198 -35.90 -14.90 6.45
N MET A 199 -34.80 -14.57 5.78
CA MET A 199 -33.49 -14.69 6.41
C MET A 199 -33.12 -13.39 7.14
N GLN A 200 -33.64 -12.27 6.65
CA GLN A 200 -33.35 -10.97 7.23
C GLN A 200 -33.88 -10.85 8.66
N ARG A 201 -34.92 -11.62 8.97
CA ARG A 201 -35.54 -11.57 10.29
C ARG A 201 -34.57 -12.08 11.36
N TRP A 202 -33.67 -12.97 10.97
CA TRP A 202 -32.77 -13.62 11.91
C TRP A 202 -31.34 -13.10 11.87
N ILE A 203 -30.84 -12.82 10.67
CA ILE A 203 -29.41 -12.55 10.51
C ILE A 203 -29.12 -11.10 10.09
N GLY A 204 -30.10 -10.44 9.50
CA GLY A 204 -29.92 -9.04 9.09
C GLY A 204 -29.78 -8.89 7.60
N SER A 205 -29.90 -7.66 7.12
CA SER A 205 -29.90 -7.37 5.69
C SER A 205 -28.57 -7.68 4.98
N GLN A 206 -27.51 -6.99 5.40
CA GLN A 206 -26.21 -7.13 4.75
C GLN A 206 -25.70 -8.57 4.76
N ALA A 207 -25.81 -9.23 5.91
CA ALA A 207 -25.37 -10.61 6.03
C ALA A 207 -26.17 -11.51 5.09
N THR A 208 -27.43 -11.16 4.86
CA THR A 208 -28.27 -11.93 3.94
C THR A 208 -27.83 -11.74 2.50
N GLU A 209 -27.57 -10.49 2.12
CA GLU A 209 -27.07 -10.21 0.76
C GLU A 209 -25.76 -10.95 0.53
N ALA A 210 -24.90 -10.97 1.55
CA ALA A 210 -23.69 -11.75 1.53
C ALA A 210 -24.00 -13.22 1.29
N VAL A 211 -24.98 -13.74 2.03
CA VAL A 211 -25.34 -15.15 1.92
C VAL A 211 -25.76 -15.54 0.51
N PHE A 212 -26.69 -14.79 -0.08
CA PHE A 212 -27.18 -15.15 -1.41
C PHE A 212 -26.13 -14.90 -2.51
N GLY A 213 -25.34 -13.85 -2.30
CA GLY A 213 -24.21 -13.57 -3.16
C GLY A 213 -23.27 -14.75 -3.24
N ILE A 214 -22.75 -15.18 -2.11
CA ILE A 214 -21.84 -16.33 -2.08
C ILE A 214 -22.55 -17.58 -2.54
N GLN A 215 -23.87 -17.63 -2.33
CA GLN A 215 -24.67 -18.75 -2.77
C GLN A 215 -24.60 -18.92 -4.28
N ARG A 216 -24.63 -17.81 -5.02
CA ARG A 216 -24.47 -17.89 -6.47
C ARG A 216 -23.16 -18.58 -6.86
N GLN A 217 -22.10 -18.26 -6.10
CA GLN A 217 -20.80 -18.85 -6.37
C GLN A 217 -20.80 -20.33 -6.02
N PHE A 218 -21.60 -20.70 -5.02
CA PHE A 218 -21.77 -22.11 -4.67
C PHE A 218 -22.44 -22.86 -5.82
N PHE A 219 -23.46 -22.25 -6.42
CA PHE A 219 -24.09 -22.83 -7.60
C PHE A 219 -23.09 -22.98 -8.76
N HIS A 220 -22.26 -21.96 -8.97
CA HIS A 220 -21.26 -22.04 -10.03
C HIS A 220 -20.22 -23.12 -9.77
N ALA A 221 -19.89 -23.33 -8.51
CA ALA A 221 -18.85 -24.29 -8.15
C ALA A 221 -19.35 -25.73 -8.23
N THR A 222 -20.65 -25.92 -8.16
CA THR A 222 -21.24 -27.23 -8.28
C THR A 222 -22.03 -27.39 -9.56
N TYR A 223 -21.78 -26.55 -10.52
CA TYR A 223 -22.30 -26.69 -11.84
C TYR A 223 -23.79 -26.78 -11.92
N GLU A 224 -24.46 -25.96 -11.15
CA GLU A 224 -25.89 -25.81 -11.27
C GLU A 224 -26.23 -24.41 -11.74
N VAL A 225 -27.41 -24.22 -12.29
CA VAL A 225 -27.73 -22.95 -12.95
C VAL A 225 -27.80 -21.83 -11.91
N VAL A 226 -27.49 -20.61 -12.36
CA VAL A 226 -27.60 -19.44 -11.51
C VAL A 226 -28.74 -18.57 -12.00
N ALA A 227 -29.75 -18.42 -11.15
CA ALA A 227 -30.93 -17.64 -11.50
C ALA A 227 -30.59 -16.18 -11.75
N GLY A 228 -31.24 -15.58 -12.74
CA GLY A 228 -31.15 -14.15 -12.94
C GLY A 228 -32.14 -13.43 -12.05
N PHE A 229 -31.98 -12.11 -11.93
CA PHE A 229 -32.97 -11.31 -11.21
C PHE A 229 -33.36 -10.11 -12.04
N ASP A 230 -34.58 -10.14 -12.58
CA ASP A 230 -35.07 -9.10 -13.45
C ASP A 230 -36.09 -8.23 -12.73
N SER A 231 -35.73 -6.98 -12.46
CA SER A 231 -36.62 -6.07 -11.76
C SER A 231 -37.77 -5.64 -12.66
N ASP A 232 -37.57 -5.78 -13.96
CA ASP A 232 -38.59 -5.41 -14.93
C ASP A 232 -39.32 -6.64 -15.46
N ASN A 233 -39.12 -7.76 -14.77
CA ASN A 233 -39.78 -9.01 -15.13
C ASN A 233 -41.28 -8.85 -15.15
N LYS A 234 -41.92 -9.36 -16.21
CA LYS A 234 -43.35 -9.15 -16.39
C LYS A 234 -44.14 -10.45 -16.33
N GLU A 235 -43.49 -11.52 -15.87
CA GLU A 235 -44.21 -12.74 -15.55
C GLU A 235 -45.08 -12.48 -14.33
N PRO A 236 -46.14 -13.27 -14.14
CA PRO A 236 -47.02 -13.05 -12.99
C PRO A 236 -46.31 -13.32 -11.65
N HIS A 237 -46.42 -12.37 -10.73
CA HIS A 237 -45.85 -12.54 -9.40
C HIS A 237 -46.55 -13.68 -8.67
N LEU A 238 -45.77 -14.65 -8.23
CA LEU A 238 -46.31 -15.76 -7.46
C LEU A 238 -46.13 -15.51 -5.97
N VAL A 239 -47.26 -15.34 -5.26
CA VAL A 239 -47.24 -15.24 -3.81
C VAL A 239 -46.73 -16.56 -3.23
N VAL A 240 -45.50 -16.53 -2.74
CA VAL A 240 -44.78 -17.74 -2.35
C VAL A 240 -45.23 -18.33 -1.02
N SER A 241 -45.88 -17.52 -0.19
CA SER A 241 -46.45 -18.00 1.07
C SER A 241 -47.71 -18.82 0.77
N GLY A 242 -47.54 -20.14 0.70
CA GLY A 242 -48.53 -20.99 0.07
C GLY A 242 -48.35 -20.77 -1.42
N LEU A 243 -49.25 -21.27 -2.24
CA LEU A 243 -49.21 -20.90 -3.65
C LEU A 243 -50.43 -20.05 -3.96
N GLY A 244 -50.19 -18.79 -4.31
CA GLY A 244 -51.25 -17.84 -4.55
C GLY A 244 -50.86 -16.75 -5.52
N ARG A 245 -51.76 -15.78 -5.72
CA ARG A 245 -51.55 -14.72 -6.67
C ARG A 245 -52.10 -13.39 -6.16
N TYR A 246 -51.58 -12.30 -6.70
CA TYR A 246 -52.10 -10.98 -6.40
C TYR A 246 -52.86 -10.46 -7.59
N VAL A 247 -54.09 -10.01 -7.38
CA VAL A 247 -54.96 -9.66 -8.48
C VAL A 247 -55.37 -8.20 -8.47
N ILE A 248 -55.27 -7.56 -9.63
CA ILE A 248 -55.77 -6.20 -9.81
C ILE A 248 -57.02 -6.26 -10.69
N GLY A 249 -58.04 -5.48 -10.34
CA GLY A 249 -59.30 -5.51 -11.05
C GLY A 249 -59.91 -4.14 -11.28
N GLU A 250 -60.64 -4.01 -12.39
CA GLU A 250 -61.22 -2.72 -12.80
C GLU A 250 -60.16 -1.62 -12.85
N ASP A 251 -60.27 -0.66 -11.94
CA ASP A 251 -59.22 0.33 -11.76
C ASP A 251 -57.93 -0.40 -11.38
N GLY A 252 -56.86 -0.16 -12.13
CA GLY A 252 -55.61 -0.89 -11.97
C GLY A 252 -55.05 -0.97 -10.57
N GLN A 253 -55.86 -1.46 -9.63
CA GLN A 253 -55.50 -1.54 -8.22
C GLN A 253 -55.75 -2.96 -7.71
N PRO A 254 -54.87 -3.45 -6.83
CA PRO A 254 -54.96 -4.81 -6.28
C PRO A 254 -56.12 -4.99 -5.30
N ILE A 255 -56.60 -6.23 -5.17
CA ILE A 255 -57.70 -6.53 -4.26
C ILE A 255 -57.29 -6.39 -2.80
N ARG A 256 -58.00 -5.55 -2.06
CA ARG A 256 -57.71 -5.30 -0.65
C ARG A 256 -58.99 -5.25 0.18
N GLU A 257 -58.85 -5.37 1.50
CA GLU A 257 -60.01 -5.25 2.39
C GLU A 257 -59.66 -4.49 3.66
N ALA A 258 -60.35 -3.37 3.89
CA ALA A 258 -60.09 -2.52 5.04
C ALA A 258 -60.44 -3.24 6.35
N PRO A 259 -59.72 -2.91 7.43
CA PRO A 259 -59.87 -3.54 8.74
C PRO A 259 -60.33 -2.57 9.83
N LYS A 260 -59.56 -2.57 10.90
CA LYS A 260 -59.80 -1.75 12.09
C LYS A 260 -59.02 -0.44 12.04
N LYS A 261 -57.78 -0.51 11.57
CA LYS A 261 -56.92 0.67 11.50
C LYS A 261 -55.73 0.44 10.57
N GLY A 262 -56.03 0.19 9.29
CA GLY A 262 -54.98 0.00 8.32
C GLY A 262 -55.06 1.03 7.21
N GLN A 263 -56.16 1.79 7.21
CA GLN A 263 -56.53 2.62 6.07
C GLN A 263 -56.70 1.68 4.87
N LYS A 264 -55.74 1.67 3.96
CA LYS A 264 -55.70 0.62 2.94
C LYS A 264 -55.04 -0.59 3.59
N GLU A 265 -55.58 -1.78 3.38
CA GLU A 265 -55.06 -2.94 4.10
C GLU A 265 -54.63 -4.09 3.18
N GLY A 266 -53.77 -4.94 3.74
CA GLY A 266 -53.23 -6.14 3.11
C GLY A 266 -53.83 -6.67 1.82
N ASP A 267 -52.95 -6.94 0.86
CA ASP A 267 -53.34 -7.53 -0.40
C ASP A 267 -54.04 -8.86 -0.17
N LEU A 268 -55.18 -9.05 -0.85
CA LEU A 268 -55.91 -10.30 -0.75
C LEU A 268 -55.22 -11.36 -1.61
N LYS A 269 -54.82 -12.45 -0.98
CA LYS A 269 -54.23 -13.56 -1.72
C LYS A 269 -55.31 -14.31 -2.48
N VAL A 270 -55.29 -14.19 -3.81
CA VAL A 270 -56.22 -14.92 -4.65
C VAL A 270 -55.54 -16.15 -5.22
N PHE A 271 -56.03 -17.33 -4.86
CA PHE A 271 -55.45 -18.60 -5.28
C PHE A 271 -55.27 -18.69 -6.79
N PRO A 272 -54.23 -19.42 -7.25
CA PRO A 272 -53.82 -19.51 -8.66
C PRO A 272 -54.96 -19.82 -9.63
N GLN A 273 -56.07 -20.31 -9.12
CA GLN A 273 -57.26 -20.50 -9.93
C GLN A 273 -58.27 -19.40 -9.59
N THR A 274 -58.35 -18.39 -10.45
CA THR A 274 -59.32 -17.32 -10.30
C THR A 274 -60.09 -17.12 -11.60
N TYR A 275 -61.41 -17.15 -11.52
CA TYR A 275 -62.27 -17.09 -12.70
C TYR A 275 -62.23 -15.71 -13.38
N LYS A 276 -61.76 -14.71 -12.66
CA LYS A 276 -61.71 -13.34 -13.17
C LYS A 276 -60.81 -13.24 -14.40
N ASN A 280 -62.77 -9.30 -15.69
CA ASN A 280 -62.08 -8.10 -16.14
C ASN A 280 -60.80 -7.87 -15.35
N GLU A 281 -60.66 -8.60 -14.24
CA GLU A 281 -59.52 -8.45 -13.35
C GLU A 281 -58.24 -9.04 -13.95
N ARG A 282 -57.10 -8.58 -13.47
CA ARG A 282 -55.79 -8.98 -14.03
C ARG A 282 -54.81 -9.42 -12.94
N LEU A 283 -53.87 -10.28 -13.30
CA LEU A 283 -52.84 -10.75 -12.38
C LEU A 283 -51.73 -9.71 -12.20
N MET A 284 -51.17 -9.66 -10.99
CA MET A 284 -50.08 -8.72 -10.73
C MET A 284 -48.73 -9.29 -11.15
N ARG A 285 -48.04 -8.56 -12.01
CA ARG A 285 -46.74 -8.99 -12.51
C ARG A 285 -45.66 -8.85 -11.43
N VAL A 286 -44.47 -9.36 -11.74
CA VAL A 286 -43.33 -9.27 -10.83
C VAL A 286 -42.94 -7.82 -10.54
N ASP A 287 -42.73 -7.05 -11.60
CA ASP A 287 -42.28 -5.67 -11.44
C ASP A 287 -43.28 -4.84 -10.66
N GLU A 288 -44.57 -5.05 -10.91
CA GLU A 288 -45.62 -4.39 -10.15
C GLU A 288 -45.46 -4.68 -8.67
N PHE A 289 -45.19 -5.94 -8.35
CA PHE A 289 -45.00 -6.37 -6.97
C PHE A 289 -43.79 -5.71 -6.34
N LEU A 290 -42.68 -5.66 -7.07
CA LEU A 290 -41.43 -5.09 -6.54
C LEU A 290 -41.55 -3.59 -6.34
N LYS A 291 -42.33 -2.93 -7.20
CA LYS A 291 -42.47 -1.48 -7.16
C LYS A 291 -43.41 -1.02 -6.05
N LEU A 292 -44.12 -1.97 -5.45
CA LEU A 292 -45.02 -1.66 -4.33
C LEU A 292 -44.29 -0.88 -3.25
N PRO A 293 -45.00 0.05 -2.59
CA PRO A 293 -44.38 0.88 -1.55
C PRO A 293 -43.88 0.03 -0.38
N GLU A 294 -44.52 -1.12 -0.18
CA GLU A 294 -44.14 -2.04 0.89
C GLU A 294 -42.80 -2.70 0.60
N ILE A 295 -42.56 -3.00 -0.67
CA ILE A 295 -41.40 -3.77 -1.10
C ILE A 295 -40.25 -2.86 -1.56
N GLN A 296 -40.46 -1.55 -1.47
CA GLN A 296 -39.46 -0.62 -1.97
C GLN A 296 -38.59 -0.04 -0.87
N ASN A 297 -39.00 -0.21 0.39
CA ASN A 297 -38.18 0.19 1.52
C ASN A 297 -37.80 -1.02 2.37
N THR A 298 -38.01 -2.22 1.82
CA THR A 298 -37.68 -3.43 2.56
C THR A 298 -36.85 -4.41 1.73
N PHE A 299 -36.82 -4.21 0.42
CA PHE A 299 -36.12 -5.15 -0.44
C PHE A 299 -35.12 -4.49 -1.39
N PRO A 300 -33.82 -4.77 -1.18
CA PRO A 300 -32.69 -4.19 -1.92
C PRO A 300 -32.72 -4.48 -3.42
N GLY A 301 -33.51 -5.47 -3.84
CA GLY A 301 -33.54 -5.86 -5.24
C GLY A 301 -34.51 -5.03 -6.07
N SER A 302 -35.31 -4.21 -5.39
CA SER A 302 -36.25 -3.35 -6.08
C SER A 302 -35.52 -2.36 -6.98
N GLY A 303 -35.67 -2.53 -8.29
CA GLY A 303 -35.02 -1.69 -9.26
C GLY A 303 -33.69 -2.24 -9.73
N LYS A 304 -33.17 -3.23 -9.01
CA LYS A 304 -31.85 -3.80 -9.28
C LYS A 304 -31.93 -4.99 -10.23
N HIS A 305 -30.79 -5.35 -10.83
CA HIS A 305 -30.72 -6.50 -11.74
C HIS A 305 -29.54 -7.41 -11.48
N LEU A 306 -29.78 -8.71 -11.60
CA LEU A 306 -28.72 -9.71 -11.49
C LEU A 306 -28.66 -10.57 -12.74
N GLN A 307 -27.58 -10.47 -13.49
CA GLN A 307 -27.48 -11.24 -14.73
C GLN A 307 -27.25 -12.71 -14.41
N GLY A 308 -28.20 -13.55 -14.82
CA GLY A 308 -28.06 -14.97 -14.63
C GLY A 308 -26.97 -15.57 -15.49
N GLY A 309 -26.74 -16.87 -15.35
CA GLY A 309 -25.76 -17.57 -16.14
C GLY A 309 -24.32 -17.23 -15.79
N MET A 310 -23.43 -17.42 -16.76
CA MET A 310 -22.01 -17.19 -16.54
C MET A 310 -21.52 -15.97 -17.32
N PRO A 311 -21.04 -14.96 -16.61
CA PRO A 311 -20.45 -13.78 -17.25
C PRO A 311 -19.14 -14.14 -17.95
N GLY A 312 -19.11 -13.96 -19.27
CA GLY A 312 -17.92 -14.26 -20.04
C GLY A 312 -18.19 -15.27 -21.14
N MET A 313 -19.36 -15.92 -21.08
CA MET A 313 -19.70 -16.91 -22.09
C MET A 313 -21.17 -16.84 -22.49
N ASN A 314 -21.46 -17.27 -23.71
CA ASN A 314 -22.82 -17.29 -24.23
C ASN A 314 -23.60 -18.44 -23.61
N GLU A 315 -24.93 -18.33 -23.63
CA GLU A 315 -25.80 -19.26 -22.92
C GLU A 315 -25.77 -20.66 -23.54
N MET A 316 -25.30 -20.77 -24.77
CA MET A 316 -25.15 -22.06 -25.43
C MET A 316 -24.05 -22.89 -24.78
N ASP A 317 -22.85 -22.32 -24.74
CA ASP A 317 -21.69 -23.01 -24.18
C ASP A 317 -21.73 -22.99 -22.65
N TYR A 318 -22.53 -22.08 -22.10
CA TYR A 318 -22.83 -22.12 -20.67
C TYR A 318 -23.71 -23.33 -20.38
N TRP A 319 -24.72 -23.54 -21.22
CA TRP A 319 -25.53 -24.74 -21.15
C TRP A 319 -24.61 -25.95 -21.26
N ASN A 320 -23.60 -25.85 -22.12
CA ASN A 320 -22.63 -26.92 -22.26
C ASN A 320 -21.88 -27.16 -20.95
N ARG A 321 -21.60 -26.08 -20.23
CA ARG A 321 -20.92 -26.20 -18.93
C ARG A 321 -21.82 -26.87 -17.90
N LEU A 322 -23.11 -26.57 -17.97
CA LEU A 322 -24.09 -27.15 -17.03
C LEU A 322 -24.21 -28.66 -17.20
N ASN A 323 -24.08 -29.13 -18.43
CA ASN A 323 -24.20 -30.55 -18.72
C ASN A 323 -22.83 -31.17 -19.02
N SER A 324 -22.04 -31.36 -17.97
CA SER A 324 -20.68 -31.87 -18.12
C SER A 324 -20.26 -32.78 -16.98
N LEU A 325 -19.16 -33.49 -17.19
CA LEU A 325 -18.63 -34.47 -16.23
C LEU A 325 -18.53 -33.95 -14.81
N ASN A 326 -18.34 -32.65 -14.66
CA ASN A 326 -18.16 -32.06 -13.34
C ASN A 326 -19.46 -31.99 -12.55
N ARG A 327 -20.58 -31.92 -13.25
CA ARG A 327 -21.89 -31.99 -12.60
C ARG A 327 -22.06 -33.35 -11.96
N ALA A 328 -21.79 -34.38 -12.75
CA ALA A 328 -21.87 -35.76 -12.29
C ALA A 328 -20.89 -36.05 -11.15
N ARG A 329 -19.65 -35.60 -11.32
CA ARG A 329 -18.64 -35.81 -10.29
C ARG A 329 -19.04 -35.08 -9.02
N CYS A 330 -19.64 -33.89 -9.18
CA CYS A 330 -20.16 -33.13 -8.06
C CYS A 330 -21.20 -33.94 -7.31
N GLU A 331 -22.10 -34.58 -8.06
CA GLU A 331 -23.16 -35.35 -7.43
C GLU A 331 -22.66 -36.73 -6.95
N ASN A 332 -21.42 -37.08 -7.29
CA ASN A 332 -20.85 -38.35 -6.88
C ASN A 332 -19.66 -38.22 -5.93
N ASP A 333 -18.58 -37.62 -6.41
CA ASP A 333 -17.36 -37.48 -5.64
C ASP A 333 -17.56 -36.50 -4.49
N VAL A 334 -17.38 -36.97 -3.26
CA VAL A 334 -17.58 -36.14 -2.08
C VAL A 334 -16.42 -35.16 -1.87
N ASP A 335 -15.20 -35.69 -1.85
CA ASP A 335 -14.02 -34.86 -1.65
C ASP A 335 -13.96 -33.76 -2.70
N PHE A 336 -14.39 -34.10 -3.92
CA PHE A 336 -14.40 -33.14 -5.00
C PHE A 336 -15.38 -32.02 -4.74
N CYS A 337 -16.62 -32.37 -4.43
CA CYS A 337 -17.67 -31.39 -4.16
C CYS A 337 -17.27 -30.45 -3.01
N LEU A 338 -16.72 -31.04 -1.95
CA LEU A 338 -16.24 -30.26 -0.82
C LEU A 338 -15.11 -29.33 -1.23
N LYS A 339 -14.21 -29.82 -2.08
CA LYS A 339 -13.12 -28.98 -2.57
C LYS A 339 -13.64 -27.79 -3.35
N GLN A 340 -14.59 -28.06 -4.26
CA GLN A 340 -15.22 -27.03 -5.07
C GLN A 340 -15.81 -25.94 -4.19
N LEU A 341 -16.67 -26.34 -3.26
CA LEU A 341 -17.31 -25.37 -2.37
C LEU A 341 -16.28 -24.62 -1.53
N GLN A 342 -15.25 -25.33 -1.11
CA GLN A 342 -14.18 -24.75 -0.31
C GLN A 342 -13.48 -23.62 -1.06
N THR A 343 -13.12 -23.89 -2.31
CA THR A 343 -12.44 -22.90 -3.12
C THR A 343 -13.38 -21.74 -3.40
N ALA A 344 -14.65 -22.05 -3.61
CA ALA A 344 -15.64 -21.01 -3.86
C ALA A 344 -15.73 -20.03 -2.70
N HIS A 345 -15.92 -20.59 -1.51
CA HIS A 345 -16.06 -19.78 -0.30
C HIS A 345 -14.78 -18.99 -0.03
N ASP A 346 -13.65 -19.70 -0.06
CA ASP A 346 -12.38 -19.08 0.22
C ASP A 346 -12.11 -17.96 -0.77
N LYS A 347 -12.60 -18.11 -1.99
CA LYS A 347 -12.50 -17.07 -3.00
C LYS A 347 -13.37 -15.89 -2.62
N ALA A 348 -14.58 -16.21 -2.18
CA ALA A 348 -15.53 -15.18 -1.80
C ALA A 348 -15.09 -14.44 -0.54
N LYS A 349 -14.00 -14.89 0.06
CA LYS A 349 -13.38 -14.13 1.14
C LYS A 349 -12.34 -13.12 0.63
N ILE A 350 -11.92 -13.28 -0.62
CA ILE A 350 -10.84 -12.47 -1.20
C ILE A 350 -11.34 -11.41 -2.18
N GLU A 351 -12.23 -11.82 -3.08
CA GLU A 351 -12.75 -10.94 -4.12
C GLU A 351 -13.39 -9.64 -3.59
N PRO A 352 -14.20 -9.71 -2.51
CA PRO A 352 -14.78 -8.44 -2.04
C PRO A 352 -13.72 -7.43 -1.63
N ILE A 353 -12.63 -7.89 -1.02
CA ILE A 353 -11.54 -7.02 -0.63
C ILE A 353 -11.02 -6.28 -1.86
N LYS A 354 -10.85 -7.03 -2.95
CA LYS A 354 -10.39 -6.44 -4.20
C LYS A 354 -11.39 -5.42 -4.72
N GLN A 355 -12.67 -5.73 -4.58
CA GLN A 355 -13.72 -4.81 -5.01
C GLN A 355 -13.70 -3.51 -4.22
N ALA A 356 -13.21 -3.58 -2.99
CA ALA A 356 -13.20 -2.41 -2.12
C ALA A 356 -12.27 -1.31 -2.63
N PHE A 357 -11.20 -1.69 -3.32
CA PHE A 357 -10.20 -0.73 -3.78
C PHE A 357 -10.09 -0.72 -5.30
N GLN A 358 -9.65 0.42 -5.84
CA GLN A 358 -9.53 0.55 -7.29
C GLN A 358 -8.48 -0.42 -7.81
N SER A 359 -8.68 -0.92 -9.01
CA SER A 359 -7.97 -2.05 -9.50
C SER A 359 -6.54 -1.78 -9.83
N SER A 360 -5.75 -2.84 -9.98
CA SER A 360 -4.35 -2.76 -10.39
C SER A 360 -4.08 -3.47 -11.71
N LYS A 361 -3.37 -2.83 -12.61
CA LYS A 361 -3.12 -3.42 -13.91
C LYS A 361 -2.26 -4.65 -13.96
N GLY A 362 -1.12 -4.64 -13.30
CA GLY A 362 -0.16 -5.69 -13.47
C GLY A 362 0.48 -5.96 -12.17
N LYS A 363 1.12 -7.10 -12.00
CA LYS A 363 1.77 -7.40 -10.75
C LYS A 363 3.18 -6.91 -10.57
N GLU A 364 3.84 -6.42 -11.62
CA GLU A 364 5.26 -6.11 -11.50
C GLU A 364 5.53 -4.97 -10.53
N ARG A 365 6.79 -4.85 -10.12
CA ARG A 365 7.19 -3.78 -9.24
C ARG A 365 7.19 -2.44 -9.97
N ARG A 366 7.01 -1.37 -9.21
CA ARG A 366 6.96 0.00 -9.72
C ARG A 366 8.25 0.42 -10.44
N GLN A 367 8.22 1.61 -11.04
CA GLN A 367 9.38 2.26 -11.62
C GLN A 367 9.80 3.42 -10.72
N PRO A 368 11.09 3.79 -10.74
CA PRO A 368 11.61 4.79 -9.79
C PRO A 368 11.18 6.22 -10.10
N ASN A 369 10.96 7.01 -9.07
CA ASN A 369 10.70 8.44 -9.24
C ASN A 369 11.95 9.25 -8.94
N VAL A 370 11.88 10.56 -9.12
CA VAL A 370 13.04 11.44 -8.95
C VAL A 370 13.77 11.20 -7.63
N ASP A 371 13.00 11.12 -6.55
CA ASP A 371 13.58 11.01 -5.21
C ASP A 371 14.35 9.71 -5.03
N GLU A 372 13.87 8.64 -5.66
CA GLU A 372 14.55 7.36 -5.54
C GLU A 372 15.78 7.26 -6.46
N ILE A 373 15.74 7.97 -7.59
CA ILE A 373 16.89 8.03 -8.46
C ILE A 373 18.02 8.78 -7.75
N ALA A 374 17.67 9.93 -7.18
CA ALA A 374 18.61 10.72 -6.40
C ALA A 374 19.13 9.92 -5.23
N ALA A 375 18.22 9.21 -4.57
CA ALA A 375 18.59 8.35 -3.44
C ALA A 375 19.64 7.34 -3.86
N ALA A 376 19.40 6.63 -4.95
CA ALA A 376 20.35 5.61 -5.41
C ALA A 376 21.70 6.22 -5.79
N ARG A 377 21.67 7.40 -6.42
CA ARG A 377 22.92 8.09 -6.76
C ARG A 377 23.72 8.39 -5.49
N ILE A 378 23.04 8.95 -4.50
CA ILE A 378 23.67 9.26 -3.23
C ILE A 378 24.28 8.01 -2.61
N ILE A 379 23.46 6.97 -2.45
CA ILE A 379 23.92 5.70 -1.89
C ILE A 379 25.19 5.21 -2.57
N GLN A 380 25.19 5.28 -3.89
CA GLN A 380 26.36 4.85 -4.65
C GLN A 380 27.58 5.71 -4.37
N GLN A 381 27.38 7.02 -4.21
CA GLN A 381 28.50 7.90 -3.91
C GLN A 381 29.03 7.67 -2.50
N ILE A 382 28.17 7.22 -1.60
CA ILE A 382 28.60 6.84 -0.26
C ILE A 382 29.46 5.60 -0.33
N LEU A 383 28.97 4.58 -1.02
CA LEU A 383 29.72 3.34 -1.15
C LEU A 383 31.04 3.54 -1.88
N ALA A 384 31.07 4.48 -2.81
CA ALA A 384 32.26 4.73 -3.63
C ALA A 384 33.34 5.48 -2.85
N ASN A 385 32.93 6.57 -2.20
CA ASN A 385 33.87 7.37 -1.43
C ASN A 385 33.48 7.42 0.04
N PRO A 386 33.91 6.42 0.81
CA PRO A 386 33.62 6.34 2.25
C PRO A 386 34.30 7.44 3.03
N ASP A 387 35.17 8.20 2.36
CA ASP A 387 35.91 9.29 2.99
C ASP A 387 34.96 10.36 3.54
N CYS A 388 33.76 10.41 3.00
CA CYS A 388 32.79 11.45 3.32
C CYS A 388 31.89 11.09 4.51
N ILE A 389 32.18 9.97 5.17
CA ILE A 389 31.36 9.55 6.29
C ILE A 389 31.96 10.01 7.61
N HIS A 390 31.15 10.68 8.43
CA HIS A 390 31.63 11.23 9.70
C HIS A 390 30.82 10.73 10.88
N ASP A 391 30.88 11.46 11.99
CA ASP A 391 30.29 11.00 13.24
C ASP A 391 28.77 11.17 13.30
N ASP A 392 28.26 12.28 12.77
CA ASP A 392 26.84 12.58 12.89
C ASP A 392 26.20 13.05 11.59
N HIS A 393 26.99 13.06 10.52
CA HIS A 393 26.47 13.51 9.23
C HIS A 393 27.32 12.97 8.08
N VAL A 394 26.81 13.06 6.87
CA VAL A 394 27.60 12.72 5.69
C VAL A 394 27.68 13.91 4.75
N LEU A 395 28.90 14.33 4.44
CA LEU A 395 29.10 15.51 3.60
C LEU A 395 29.47 15.15 2.16
N ILE A 396 28.62 15.55 1.22
CA ILE A 396 28.96 15.41 -0.19
C ILE A 396 28.74 16.72 -0.92
N ASN A 397 29.78 17.22 -1.58
CA ASN A 397 29.70 18.46 -2.36
C ASN A 397 29.11 19.62 -1.55
N GLY A 398 29.62 19.79 -0.33
CA GLY A 398 29.21 20.89 0.52
C GLY A 398 27.81 20.72 1.09
N GLN A 399 27.25 19.53 0.92
CA GLN A 399 25.92 19.23 1.43
C GLN A 399 25.99 18.29 2.62
N LYS A 400 25.40 18.71 3.74
CA LYS A 400 25.41 17.92 4.97
C LYS A 400 24.14 17.07 5.04
N LEU A 401 24.32 15.79 5.31
CA LEU A 401 23.21 14.85 5.34
C LEU A 401 23.11 14.25 6.72
N GLU A 402 22.13 14.71 7.49
CA GLU A 402 21.95 14.30 8.88
C GLU A 402 21.52 12.85 9.00
N GLN A 403 21.00 12.51 10.17
CA GLN A 403 20.44 11.20 10.44
C GLN A 403 19.04 11.13 9.84
N GLN A 404 18.29 12.20 10.06
CA GLN A 404 16.89 12.27 9.65
C GLN A 404 16.70 12.11 8.15
N PHE A 405 17.65 12.61 7.37
CA PHE A 405 17.62 12.43 5.93
C PHE A 405 17.58 10.96 5.56
N PHE A 406 18.49 10.18 6.15
CA PHE A 406 18.58 8.76 5.86
C PHE A 406 17.39 7.99 6.41
N ARG A 407 16.86 8.43 7.54
CA ARG A 407 15.64 7.84 8.07
C ARG A 407 14.50 8.04 7.07
N ASP A 408 14.41 9.25 6.51
CA ASP A 408 13.40 9.60 5.52
C ASP A 408 13.55 8.72 4.28
N LEU A 409 14.78 8.58 3.83
CA LEU A 409 15.09 7.68 2.72
C LEU A 409 14.53 6.30 3.02
N LEU A 410 14.76 5.82 4.24
CA LEU A 410 14.26 4.52 4.66
C LEU A 410 12.74 4.45 4.68
N ALA A 411 12.11 5.60 4.92
CA ALA A 411 10.66 5.65 5.12
C ALA A 411 9.87 5.78 3.83
N LYS A 412 10.42 6.49 2.86
CA LYS A 412 9.67 6.86 1.68
C LYS A 412 10.09 6.10 0.43
N CYS A 413 11.38 5.87 0.27
CA CYS A 413 11.89 5.22 -0.93
C CYS A 413 11.64 3.71 -0.96
N GLU A 414 10.96 3.25 -2.01
CA GLU A 414 10.81 1.83 -2.25
C GLU A 414 12.18 1.20 -2.43
N MET A 415 12.76 0.76 -1.31
CA MET A 415 14.15 0.33 -1.29
C MET A 415 14.46 -0.86 -2.22
N ALA A 416 13.44 -1.62 -2.59
CA ALA A 416 13.64 -2.69 -3.55
C ALA A 416 13.87 -2.08 -4.94
N VAL A 417 13.02 -1.10 -5.25
CA VAL A 417 13.14 -0.32 -6.48
C VAL A 417 14.48 0.41 -6.54
N VAL A 418 14.86 1.05 -5.43
CA VAL A 418 16.14 1.71 -5.34
C VAL A 418 17.26 0.69 -5.52
N GLY A 419 17.05 -0.51 -5.00
CA GLY A 419 17.98 -1.60 -5.18
C GLY A 419 18.15 -1.97 -6.63
N SER A 420 17.07 -1.86 -7.41
CA SER A 420 17.14 -2.18 -8.84
C SER A 420 18.08 -1.26 -9.62
N LEU A 421 18.47 -0.16 -8.99
CA LEU A 421 19.35 0.82 -9.63
C LEU A 421 20.79 0.72 -9.14
N LEU A 422 21.05 -0.23 -8.26
CA LEU A 422 22.42 -0.50 -7.81
C LEU A 422 23.04 -1.59 -8.69
N ASN A 423 24.35 -1.71 -8.68
CA ASN A 423 25.05 -2.67 -9.54
C ASN A 423 26.12 -3.45 -8.80
N ASP A 424 26.82 -4.32 -9.53
CA ASP A 424 27.86 -5.16 -8.94
C ASP A 424 29.01 -4.32 -8.41
N THR A 425 29.20 -3.14 -8.98
CA THR A 425 30.21 -2.22 -8.48
C THR A 425 29.83 -1.78 -7.08
N ASP A 426 28.56 -1.45 -6.88
CA ASP A 426 28.05 -1.02 -5.58
C ASP A 426 28.08 -2.18 -4.58
N ILE A 427 27.86 -3.39 -5.08
CA ILE A 427 27.96 -4.59 -4.25
C ILE A 427 29.41 -4.73 -3.77
N GLY A 428 30.35 -4.49 -4.67
CA GLY A 428 31.76 -4.56 -4.34
C GLY A 428 32.14 -3.53 -3.31
N ASN A 429 31.63 -2.31 -3.48
CA ASN A 429 31.97 -1.21 -2.58
C ASN A 429 31.55 -1.42 -1.13
N ILE A 430 30.86 -2.52 -0.86
CA ILE A 430 30.56 -2.93 0.51
C ILE A 430 31.86 -3.21 1.23
N ASP A 431 32.81 -3.82 0.53
CA ASP A 431 34.14 -4.06 1.06
C ASP A 431 34.82 -2.75 1.45
N THR A 432 34.71 -1.75 0.58
CA THR A 432 35.37 -0.47 0.82
C THR A 432 34.69 0.27 1.96
N LEU A 433 33.39 0.07 2.10
CA LEU A 433 32.65 0.66 3.20
C LEU A 433 33.06 0.03 4.53
N MET A 434 33.26 -1.28 4.52
CA MET A 434 33.58 -2.00 5.74
C MET A 434 35.04 -1.84 6.14
N ARG A 435 35.92 -1.64 5.17
CA ARG A 435 37.34 -1.38 5.48
C ARG A 435 37.50 0.00 6.09
N HIS A 436 36.63 0.92 5.70
CA HIS A 436 36.63 2.25 6.27
C HIS A 436 35.96 2.24 7.64
N GLU A 437 35.32 1.13 7.96
CA GLU A 437 34.49 1.10 9.17
C GLU A 437 34.99 0.15 10.25
N LYS A 438 34.87 0.61 11.49
CA LYS A 438 35.22 -0.18 12.65
C LYS A 438 34.23 0.18 13.76
N ASP A 439 33.05 0.63 13.34
CA ASP A 439 32.02 1.06 14.26
C ASP A 439 31.18 -0.10 14.75
N THR A 440 30.47 0.13 15.85
CA THR A 440 29.80 -0.95 16.57
C THR A 440 28.31 -1.03 16.27
N GLU A 441 27.84 -2.22 15.92
CA GLU A 441 26.42 -2.48 15.73
C GLU A 441 25.84 -3.16 16.96
N PHE A 442 24.67 -2.76 17.43
CA PHE A 442 24.13 -3.38 18.62
C PHE A 442 22.85 -4.14 18.37
N HIS A 443 22.60 -5.20 19.13
CA HIS A 443 21.34 -5.93 19.13
C HIS A 443 20.34 -4.94 19.57
N SER A 444 19.17 -4.93 18.97
CA SER A 444 18.15 -4.00 19.40
C SER A 444 17.83 -4.41 20.78
N THR A 445 17.48 -5.66 20.89
CA THR A 445 16.97 -6.16 22.12
C THR A 445 18.22 -6.41 22.84
N ASN A 446 18.09 -7.00 24.02
CA ASN A 446 19.23 -7.59 24.65
C ASN A 446 20.33 -6.59 24.77
N PRO A 447 19.96 -5.45 25.48
CA PRO A 447 21.07 -4.50 25.65
C PRO A 447 22.15 -5.18 26.45
N GLU A 448 21.75 -6.16 27.23
CA GLU A 448 22.71 -6.99 27.89
C GLU A 448 23.10 -7.96 26.82
N ALA A 449 23.80 -7.44 25.82
CA ALA A 449 24.35 -8.28 24.79
C ALA A 449 25.50 -7.62 24.09
N VAL A 450 26.34 -8.42 23.50
CA VAL A 450 27.60 -7.97 22.96
C VAL A 450 27.33 -7.08 21.80
N PRO A 451 28.15 -6.06 21.64
CA PRO A 451 28.25 -5.30 20.39
C PRO A 451 29.36 -5.89 19.55
N VAL A 452 29.35 -5.64 18.24
CA VAL A 452 30.42 -6.16 17.38
C VAL A 452 30.72 -5.16 16.27
N LYS A 453 32.01 -4.91 16.06
CA LYS A 453 32.47 -4.02 15.01
C LYS A 453 32.14 -4.63 13.65
N ILE A 454 31.27 -3.96 12.92
CA ILE A 454 30.66 -4.51 11.72
C ILE A 454 31.66 -4.60 10.56
N GLY A 455 32.46 -3.55 10.38
CA GLY A 455 33.45 -3.51 9.32
C GLY A 455 34.45 -4.65 9.42
N GLU A 456 35.06 -4.77 10.59
CA GLU A 456 36.01 -5.84 10.88
C GLU A 456 35.40 -7.21 10.62
N TYR A 457 34.19 -7.41 11.13
CA TYR A 457 33.51 -8.70 10.97
C TYR A 457 33.31 -9.03 9.49
N TRP A 458 32.74 -8.10 8.74
CA TRP A 458 32.49 -8.32 7.31
C TRP A 458 33.78 -8.65 6.58
N ILE A 459 34.81 -7.83 6.80
CA ILE A 459 36.08 -8.02 6.11
C ILE A 459 36.66 -9.41 6.39
N ASN A 460 36.75 -9.77 7.66
CA ASN A 460 37.28 -11.09 8.02
C ASN A 460 36.44 -12.24 7.48
N ASP A 461 35.14 -12.00 7.40
CA ASP A 461 34.23 -13.03 6.90
C ASP A 461 34.44 -13.27 5.41
N GLN A 462 34.51 -12.19 4.65
CA GLN A 462 34.74 -12.28 3.21
C GLN A 462 36.11 -12.86 2.92
N ARG A 463 37.08 -12.53 3.76
CA ARG A 463 38.44 -13.02 3.58
C ARG A 463 38.55 -14.51 3.89
N ILE A 464 37.78 -14.98 4.87
CA ILE A 464 37.84 -16.38 5.26
C ILE A 464 36.97 -17.27 4.36
N ASN A 465 35.88 -16.70 3.83
CA ASN A 465 34.94 -17.48 3.03
C ASN A 465 35.03 -17.20 1.52
N ASN A 466 34.79 -15.95 1.13
CA ASN A 466 34.87 -15.58 -0.27
C ASN A 466 36.24 -15.00 -0.59
N SER A 467 37.25 -15.86 -0.53
CA SER A 467 38.62 -15.45 -0.82
C SER A 467 38.74 -15.02 -2.27
N SER A 468 37.89 -15.61 -3.11
CA SER A 468 37.88 -15.31 -4.54
C SER A 468 37.46 -13.87 -4.81
N GLY A 469 36.61 -13.33 -3.94
CA GLY A 469 36.05 -12.02 -4.15
C GLY A 469 34.90 -12.08 -5.14
N ASN A 470 34.44 -13.30 -5.41
CA ASN A 470 33.35 -13.54 -6.35
C ASN A 470 32.08 -12.77 -5.99
N ILE A 471 31.64 -11.91 -6.91
CA ILE A 471 30.57 -10.96 -6.63
C ILE A 471 29.23 -11.63 -6.33
N THR A 472 28.94 -12.73 -7.00
CA THR A 472 27.74 -13.51 -6.75
C THR A 472 27.76 -14.00 -5.30
N GLN A 473 28.91 -14.56 -4.94
CA GLN A 473 29.14 -15.04 -3.58
C GLN A 473 29.04 -13.91 -2.59
N LYS A 474 29.45 -12.71 -3.02
CA LYS A 474 29.29 -11.52 -2.18
C LYS A 474 27.82 -11.29 -1.87
N LYS A 475 27.00 -11.37 -2.92
CA LYS A 475 25.55 -11.18 -2.76
C LYS A 475 24.96 -12.19 -1.77
N HIS A 476 25.25 -13.47 -2.02
CA HIS A 476 24.82 -14.53 -1.11
C HIS A 476 25.29 -14.31 0.32
N ASP A 477 26.49 -13.74 0.46
CA ASP A 477 27.06 -13.49 1.78
C ASP A 477 26.35 -12.35 2.48
N LEU A 478 25.91 -11.35 1.71
CA LEU A 478 25.12 -10.26 2.27
C LEU A 478 23.80 -10.82 2.80
N ILE A 479 23.16 -11.66 1.99
CA ILE A 479 21.91 -12.27 2.40
C ILE A 479 22.11 -13.13 3.65
N PHE A 480 23.25 -13.83 3.70
CA PHE A 480 23.58 -14.64 4.87
C PHE A 480 23.73 -13.78 6.12
N LEU A 481 24.50 -12.70 6.02
CA LEU A 481 24.65 -11.75 7.11
C LEU A 481 23.28 -11.26 7.58
N MET A 482 22.35 -11.12 6.64
CA MET A 482 21.00 -10.72 7.00
C MET A 482 20.29 -11.79 7.81
N GLN A 483 20.38 -13.06 7.38
CA GLN A 483 19.58 -14.11 8.01
C GLN A 483 20.24 -14.87 9.15
N ASN A 484 21.48 -14.52 9.50
CA ASN A 484 22.22 -15.34 10.46
C ASN A 484 22.60 -14.64 11.75
N ASP A 485 22.87 -13.35 11.68
CA ASP A 485 23.46 -12.63 12.80
C ASP A 485 22.54 -11.58 13.39
N ALA A 486 21.91 -11.91 14.51
CA ALA A 486 20.91 -11.05 15.14
C ALA A 486 21.46 -9.69 15.53
N TRP A 487 22.75 -9.61 15.86
CA TRP A 487 23.37 -8.33 16.21
C TRP A 487 23.29 -7.35 15.05
N TYR A 488 23.07 -7.88 13.86
CA TYR A 488 22.96 -7.06 12.66
C TYR A 488 21.50 -6.79 12.29
N PHE A 489 20.72 -7.85 12.05
CA PHE A 489 19.37 -7.64 11.55
C PHE A 489 18.40 -7.14 12.62
N SER A 490 18.77 -7.26 13.89
CA SER A 490 17.93 -6.67 14.93
C SER A 490 17.96 -5.16 14.76
N ARG A 491 19.17 -4.61 14.76
CA ARG A 491 19.36 -3.18 14.60
C ARG A 491 18.80 -2.71 13.28
N VAL A 492 19.07 -3.46 12.21
CA VAL A 492 18.62 -3.09 10.87
C VAL A 492 17.10 -3.04 10.77
N ASN A 493 16.44 -4.15 11.10
CA ASN A 493 14.98 -4.24 11.02
C ASN A 493 14.29 -3.35 12.04
N ALA A 494 15.02 -2.89 13.05
CA ALA A 494 14.46 -1.95 13.99
C ALA A 494 14.53 -0.53 13.43
N ILE A 495 15.65 -0.21 12.80
CA ILE A 495 15.87 1.14 12.27
C ILE A 495 15.04 1.40 11.01
N ALA A 496 14.93 0.38 10.16
CA ALA A 496 14.15 0.50 8.93
C ALA A 496 12.68 0.79 9.20
N GLN A 497 12.12 0.18 10.25
CA GLN A 497 10.70 0.32 10.53
C GLN A 497 10.41 1.41 11.57
N ASN A 498 11.36 2.31 11.77
CA ASN A 498 11.20 3.47 12.64
C ASN A 498 10.72 3.13 14.05
N ARG A 499 11.05 1.93 14.50
CA ARG A 499 10.65 1.49 15.84
C ARG A 499 11.87 1.08 16.65
N ASP A 500 13.00 1.71 16.36
CA ASP A 500 14.22 1.47 17.12
C ASP A 500 14.37 2.55 18.18
N LYS A 501 15.43 2.46 18.97
CA LYS A 501 15.70 3.43 20.01
C LYS A 501 17.18 3.47 20.37
N GLY A 502 17.70 4.67 20.60
CA GLY A 502 19.08 4.87 21.00
C GLY A 502 20.10 4.31 20.01
N SER A 503 19.75 4.32 18.73
CA SER A 503 20.65 3.83 17.70
C SER A 503 21.65 4.90 17.28
N THR A 504 22.78 4.48 16.74
CA THR A 504 23.83 5.40 16.33
C THR A 504 23.61 5.88 14.91
N PHE A 505 24.19 7.03 14.58
CA PHE A 505 24.14 7.54 13.21
C PHE A 505 24.77 6.53 12.26
N LYS A 506 25.86 5.92 12.69
CA LYS A 506 26.52 4.87 11.92
C LYS A 506 25.56 3.74 11.60
N GLU A 507 24.75 3.37 12.58
CA GLU A 507 23.81 2.27 12.42
C GLU A 507 22.66 2.64 11.47
N VAL A 508 22.08 3.81 11.69
CA VAL A 508 21.02 4.31 10.81
C VAL A 508 21.51 4.35 9.35
N LEU A 509 22.60 5.07 9.13
CA LEU A 509 23.24 5.16 7.83
C LEU A 509 23.48 3.79 7.21
N ILE A 510 24.18 2.92 7.94
CA ILE A 510 24.52 1.60 7.43
C ILE A 510 23.26 0.82 7.04
N THR A 511 22.20 0.97 7.83
CA THR A 511 20.94 0.31 7.49
C THR A 511 20.39 0.86 6.18
N THR A 512 20.34 2.19 6.08
CA THR A 512 19.86 2.87 4.88
C THR A 512 20.62 2.40 3.64
N LEU A 513 21.90 2.11 3.80
CA LEU A 513 22.73 1.64 2.70
C LEU A 513 22.56 0.17 2.39
N MET A 514 22.36 -0.64 3.43
CA MET A 514 22.36 -2.08 3.28
C MET A 514 21.03 -2.63 2.79
N THR A 515 19.93 -1.96 3.14
CA THR A 515 18.61 -2.41 2.69
C THR A 515 18.49 -2.58 1.17
N PRO A 516 18.82 -1.53 0.38
CA PRO A 516 18.66 -1.71 -1.07
C PRO A 516 19.63 -2.74 -1.63
N LEU A 517 20.82 -2.79 -1.05
CA LEU A 517 21.84 -3.72 -1.50
C LEU A 517 21.42 -5.14 -1.22
N THR A 518 20.78 -5.34 -0.06
CA THR A 518 20.33 -6.66 0.34
C THR A 518 19.19 -7.10 -0.57
N SER A 519 18.26 -6.18 -0.85
CA SER A 519 17.15 -6.51 -1.73
C SER A 519 17.66 -6.82 -3.13
N LYS A 520 18.68 -6.08 -3.56
CA LYS A 520 19.27 -6.32 -4.87
C LYS A 520 19.91 -7.70 -4.92
N ALA A 521 20.69 -8.02 -3.90
CA ALA A 521 21.35 -9.32 -3.80
C ALA A 521 20.32 -10.43 -3.85
N LEU A 522 19.20 -10.21 -3.18
CA LEU A 522 18.09 -11.15 -3.19
C LEU A 522 17.50 -11.32 -4.59
N VAL A 523 17.22 -10.21 -5.25
CA VAL A 523 16.61 -10.23 -6.58
C VAL A 523 17.50 -10.93 -7.59
N ASP A 524 18.80 -10.69 -7.49
CA ASP A 524 19.77 -11.32 -8.36
C ASP A 524 19.88 -12.82 -8.07
N THR A 525 20.05 -13.15 -6.80
CA THR A 525 20.29 -14.53 -6.39
C THR A 525 19.11 -15.46 -6.65
N SER A 526 17.93 -15.07 -6.18
CA SER A 526 16.81 -16.00 -6.14
C SER A 526 16.27 -16.32 -7.53
N GLN A 527 16.37 -17.59 -7.90
CA GLN A 527 15.82 -18.07 -9.16
C GLN A 527 14.75 -19.12 -8.87
N ALA A 528 14.30 -19.15 -7.62
CA ALA A 528 13.22 -20.05 -7.21
C ALA A 528 11.87 -19.37 -7.37
N LYS A 529 10.86 -20.14 -7.75
CA LYS A 529 9.51 -19.63 -7.97
C LYS A 529 8.91 -19.04 -6.70
N PRO A 530 8.22 -17.89 -6.82
CA PRO A 530 7.61 -17.21 -5.68
C PRO A 530 6.51 -18.04 -5.02
N PRO A 531 6.75 -18.51 -3.80
CA PRO A 531 5.82 -19.37 -3.05
C PRO A 531 4.42 -18.77 -2.88
N THR A 532 3.43 -19.63 -2.72
CA THR A 532 2.03 -19.24 -2.61
C THR A 532 1.66 -18.93 -1.17
N ARG A 533 2.28 -19.63 -0.24
CA ARG A 533 1.94 -19.47 1.17
C ARG A 533 3.18 -19.26 2.01
N LEU A 534 3.22 -18.13 2.72
CA LEU A 534 4.34 -17.80 3.60
C LEU A 534 3.89 -17.69 5.04
N PHE A 535 4.79 -17.95 5.97
CA PHE A 535 4.45 -17.85 7.39
C PHE A 535 5.44 -16.95 8.11
N ARG A 536 4.95 -16.24 9.12
CA ARG A 536 5.81 -15.38 9.91
C ARG A 536 5.50 -15.55 11.39
N GLY A 537 6.55 -15.71 12.20
CA GLY A 537 6.37 -15.92 13.62
C GLY A 537 6.47 -14.62 14.39
N LEU A 538 5.74 -14.54 15.49
CA LEU A 538 5.71 -13.34 16.32
C LEU A 538 5.48 -13.66 17.79
N ASN A 539 6.30 -13.06 18.65
CA ASN A 539 6.10 -13.11 20.09
C ASN A 539 5.58 -11.78 20.59
N LEU A 540 4.31 -11.77 21.03
CA LEU A 540 3.65 -10.52 21.41
C LEU A 540 2.94 -10.64 22.74
N SER A 541 2.82 -9.51 23.44
CA SER A 541 2.08 -9.49 24.70
C SER A 541 0.65 -9.94 24.48
N GLU A 542 -0.01 -10.34 25.56
CA GLU A 542 -1.39 -10.80 25.49
C GLU A 542 -2.32 -9.70 25.00
N GLU A 543 -2.16 -8.50 25.56
CA GLU A 543 -3.04 -7.39 25.24
C GLU A 543 -2.86 -6.93 23.79
N PHE A 544 -1.63 -6.92 23.30
CA PHE A 544 -1.34 -6.46 21.95
C PHE A 544 -1.95 -7.42 20.94
N THR A 545 -1.81 -8.71 21.24
CA THR A 545 -2.44 -9.74 20.45
C THR A 545 -3.94 -9.52 20.43
N LYS A 546 -4.51 -9.14 21.58
CA LYS A 546 -5.94 -8.86 21.66
C LYS A 546 -6.33 -7.72 20.72
N GLY A 547 -5.54 -6.65 20.73
CA GLY A 547 -5.77 -5.52 19.85
C GLY A 547 -5.73 -5.93 18.38
N LEU A 548 -4.73 -6.72 18.03
CA LEU A 548 -4.60 -7.21 16.66
C LEU A 548 -5.81 -8.04 16.25
N ILE A 549 -6.28 -8.88 17.16
CA ILE A 549 -7.45 -9.69 16.88
C ILE A 549 -8.67 -8.80 16.62
N ASP A 550 -8.81 -7.75 17.43
CA ASP A 550 -9.91 -6.81 17.26
C ASP A 550 -9.84 -6.08 15.91
N GLN A 551 -8.66 -5.59 15.55
CA GLN A 551 -8.49 -4.87 14.29
C GLN A 551 -8.77 -5.78 13.10
N ALA A 552 -8.17 -6.96 13.12
CA ALA A 552 -8.37 -7.95 12.06
C ALA A 552 -9.85 -8.29 11.93
N ASN A 553 -10.52 -8.48 13.07
CA ASN A 553 -11.94 -8.79 13.06
C ASN A 553 -12.76 -7.65 12.49
N ALA A 554 -12.32 -6.42 12.75
CA ALA A 554 -12.97 -5.25 12.18
C ALA A 554 -12.89 -5.32 10.67
N MET A 555 -11.73 -5.70 10.16
CA MET A 555 -11.55 -5.77 8.71
C MET A 555 -12.29 -6.94 8.06
N ILE A 556 -12.41 -8.05 8.77
CA ILE A 556 -13.13 -9.21 8.23
C ILE A 556 -14.64 -8.97 8.25
N ALA A 557 -15.12 -8.36 9.33
CA ALA A 557 -16.55 -8.16 9.56
C ALA A 557 -17.23 -7.19 8.59
N ASN A 558 -16.48 -6.24 8.07
CA ASN A 558 -17.08 -5.21 7.22
C ASN A 558 -16.95 -5.44 5.72
N THR A 559 -16.30 -6.55 5.32
CA THR A 559 -16.26 -6.88 3.91
C THR A 559 -17.16 -8.07 3.63
N THR A 560 -18.13 -7.89 2.74
CA THR A 560 -19.03 -8.98 2.36
C THR A 560 -19.19 -9.03 0.85
N GLU A 561 -19.53 -10.22 0.35
CA GLU A 561 -19.79 -10.40 -1.07
C GLU A 561 -21.02 -9.57 -1.46
N ARG A 562 -21.06 -9.11 -2.71
CA ARG A 562 -22.15 -8.25 -3.12
C ARG A 562 -23.30 -9.01 -3.80
N LEU A 563 -24.51 -8.71 -3.37
CA LEU A 563 -25.71 -9.18 -4.05
C LEU A 563 -26.26 -8.01 -4.87
N PHE A 564 -26.96 -7.12 -4.20
CA PHE A 564 -27.47 -5.91 -4.83
C PHE A 564 -26.69 -4.70 -4.35
N THR A 565 -27.01 -4.26 -3.12
CA THR A 565 -26.42 -3.05 -2.57
C THR A 565 -24.92 -3.19 -2.37
N ASP A 566 -24.20 -2.11 -2.67
CA ASP A 566 -22.76 -2.09 -2.58
C ASP A 566 -22.30 -1.70 -1.20
N HIS A 567 -21.76 -2.66 -0.45
CA HIS A 567 -21.22 -2.40 0.88
C HIS A 567 -19.70 -2.27 0.82
N SER A 568 -19.18 -1.68 -0.25
CA SER A 568 -17.75 -1.54 -0.42
C SER A 568 -17.11 -0.39 0.38
N PRO A 569 -17.66 0.84 0.28
CA PRO A 569 -16.96 1.95 0.94
C PRO A 569 -16.71 1.70 2.43
N GLU A 570 -17.57 0.91 3.06
CA GLU A 570 -17.38 0.58 4.47
C GLU A 570 -16.16 -0.32 4.68
N ALA A 571 -16.08 -1.40 3.90
CA ALA A 571 -14.91 -2.28 3.92
C ALA A 571 -13.65 -1.47 3.69
N PHE A 572 -13.69 -0.60 2.67
CA PHE A 572 -12.63 0.34 2.41
C PHE A 572 -12.22 1.09 3.68
N LYS A 573 -13.17 1.82 4.25
CA LYS A 573 -12.92 2.66 5.42
C LYS A 573 -12.32 1.87 6.58
N GLN A 574 -12.88 0.71 6.86
CA GLN A 574 -12.42 -0.10 7.97
C GLN A 574 -11.01 -0.61 7.72
N ILE A 575 -10.72 -0.99 6.49
CA ILE A 575 -9.38 -1.48 6.17
C ILE A 575 -8.33 -0.37 6.23
N LYS A 576 -8.71 0.83 5.80
CA LYS A 576 -7.82 1.98 5.96
C LYS A 576 -7.66 2.34 7.44
N LEU A 577 -8.67 1.98 8.24
CA LEU A 577 -8.65 2.29 9.67
C LEU A 577 -7.85 1.29 10.50
N ASN A 578 -7.76 0.05 10.03
CA ASN A 578 -7.17 -1.01 10.83
C ASN A 578 -6.03 -1.78 10.18
N ASP A 579 -5.51 -1.26 9.07
CA ASP A 579 -4.52 -1.98 8.27
C ASP A 579 -3.30 -2.43 9.10
N LEU A 580 -2.94 -3.71 8.94
CA LEU A 580 -1.80 -4.28 9.65
C LEU A 580 -0.59 -4.46 8.75
N SER A 581 -0.73 -4.03 7.50
CA SER A 581 0.30 -4.30 6.50
C SER A 581 1.64 -3.68 6.88
N LYS A 582 1.59 -2.53 7.55
CA LYS A 582 2.82 -1.77 7.80
C LYS A 582 3.75 -2.45 8.80
N MET A 583 3.25 -3.51 9.44
CA MET A 583 4.09 -4.32 10.32
C MET A 583 5.06 -5.17 9.53
N SER A 584 4.79 -5.34 8.23
CA SER A 584 5.61 -6.18 7.38
C SER A 584 6.33 -5.38 6.31
N GLY A 585 6.24 -4.06 6.41
CA GLY A 585 6.76 -3.20 5.35
C GLY A 585 8.11 -2.60 5.65
N ARG A 586 8.57 -1.77 4.72
CA ARG A 586 9.74 -0.91 4.93
C ARG A 586 11.07 -1.64 5.11
N THR A 587 11.03 -2.96 5.20
CA THR A 587 12.26 -3.73 5.38
C THR A 587 12.17 -5.10 4.71
N ASN A 588 13.31 -5.76 4.60
CA ASN A 588 13.34 -7.12 4.07
C ASN A 588 12.83 -8.11 5.11
N ALA A 589 11.52 -8.26 5.18
CA ALA A 589 10.91 -9.17 6.14
C ALA A 589 11.33 -10.61 5.88
N SER A 590 11.54 -11.35 6.95
CA SER A 590 11.90 -12.76 6.85
C SER A 590 10.70 -13.65 7.11
N THR A 591 10.45 -14.56 6.19
CA THR A 591 9.30 -15.46 6.28
C THR A 591 9.75 -16.90 6.03
N THR A 592 8.82 -17.84 6.14
CA THR A 592 9.12 -19.22 5.82
C THR A 592 7.93 -19.89 5.18
N THR A 593 8.19 -20.94 4.42
CA THR A 593 7.12 -21.67 3.75
C THR A 593 6.71 -22.90 4.55
N GLU A 594 7.46 -23.20 5.61
CA GLU A 594 7.13 -24.33 6.49
C GLU A 594 6.61 -23.85 7.83
N ILE A 595 5.41 -24.31 8.21
CA ILE A 595 4.76 -23.89 9.45
C ILE A 595 5.56 -24.33 10.67
N LYS A 596 6.20 -25.48 10.55
CA LYS A 596 6.98 -26.08 11.64
C LYS A 596 7.99 -25.10 12.24
N LEU A 597 8.51 -24.20 11.42
CA LEU A 597 9.52 -23.24 11.87
C LEU A 597 8.95 -22.30 12.92
N VAL A 598 7.86 -21.64 12.59
CA VAL A 598 7.29 -20.64 13.47
C VAL A 598 6.52 -21.27 14.61
N LYS A 599 5.93 -22.44 14.36
CA LYS A 599 5.09 -23.08 15.35
C LYS A 599 5.91 -23.73 16.46
N GLU A 600 6.83 -24.60 16.08
CA GLU A 600 7.60 -25.39 17.04
C GLU A 600 8.91 -24.74 17.44
N THR A 601 9.82 -24.61 16.48
CA THR A 601 11.19 -24.17 16.74
C THR A 601 11.28 -22.86 17.51
N TRP A 602 10.65 -21.82 16.99
CA TRP A 602 10.69 -20.50 17.63
C TRP A 602 9.56 -20.30 18.63
N ASP A 603 8.57 -21.19 18.58
CA ASP A 603 7.44 -21.17 19.52
C ASP A 603 6.78 -19.80 19.61
N SER A 604 6.09 -19.40 18.55
CA SER A 604 5.50 -18.07 18.46
C SER A 604 4.02 -18.09 18.84
N ASN A 605 3.58 -17.09 19.58
CA ASN A 605 2.19 -17.01 20.01
C ASN A 605 1.29 -16.33 18.99
N VAL A 606 1.90 -15.66 18.00
CA VAL A 606 1.13 -15.06 16.90
C VAL A 606 1.75 -15.39 15.55
N ILE A 607 0.96 -16.03 14.68
CA ILE A 607 1.45 -16.40 13.34
C ILE A 607 0.75 -15.65 12.21
N PHE A 608 1.53 -15.08 11.30
CA PHE A 608 1.00 -14.42 10.12
C PHE A 608 1.08 -15.32 8.90
N GLU A 609 -0.08 -15.75 8.40
CA GLU A 609 -0.14 -16.56 7.20
C GLU A 609 -0.44 -15.67 6.00
N MET A 610 0.53 -15.57 5.09
CA MET A 610 0.43 -14.72 3.93
C MET A 610 0.17 -15.51 2.66
N LEU A 611 -1.02 -15.31 2.09
CA LEU A 611 -1.43 -15.96 0.86
C LEU A 611 -1.07 -15.10 -0.34
N ASP A 612 -0.22 -15.63 -1.21
CA ASP A 612 0.27 -14.86 -2.34
C ASP A 612 0.00 -15.59 -3.66
N PRO A 613 -1.28 -15.66 -4.05
CA PRO A 613 -1.66 -16.47 -5.21
C PRO A 613 -1.30 -15.80 -6.55
N ASP A 614 -1.46 -14.48 -6.61
CA ASP A 614 -1.22 -13.76 -7.85
C ASP A 614 0.26 -13.41 -8.02
N GLY A 615 1.09 -13.95 -7.13
CA GLY A 615 2.52 -13.76 -7.23
C GLY A 615 2.94 -12.31 -7.07
N LEU A 616 2.10 -11.53 -6.40
CA LEU A 616 2.48 -10.18 -5.96
C LEU A 616 3.58 -10.33 -4.92
N LEU A 617 3.93 -9.23 -4.24
CA LEU A 617 4.71 -9.38 -3.01
C LEU A 617 6.07 -10.06 -3.24
N HIS A 618 6.62 -9.87 -4.44
CA HIS A 618 7.80 -10.59 -4.95
C HIS A 618 8.79 -11.03 -3.87
N SER A 619 8.70 -12.29 -3.48
CA SER A 619 9.57 -12.82 -2.43
C SER A 619 10.77 -13.52 -3.05
N LYS A 620 11.90 -13.48 -2.35
CA LYS A 620 13.13 -14.06 -2.86
C LYS A 620 13.69 -15.09 -1.89
N GLN A 621 14.15 -16.20 -2.41
CA GLN A 621 14.71 -17.23 -1.58
C GLN A 621 15.95 -16.78 -0.90
N VAL A 622 16.12 -17.23 0.32
CA VAL A 622 17.31 -16.93 1.07
C VAL A 622 17.96 -18.22 1.55
N GLY A 623 19.23 -18.39 1.24
CA GLY A 623 19.95 -19.52 1.77
C GLY A 623 19.64 -20.71 0.92
N ARG A 624 20.16 -21.86 1.33
CA ARG A 624 20.07 -23.08 0.56
C ARG A 624 18.78 -23.80 0.36
N HIS A 625 17.98 -23.97 1.39
CA HIS A 625 16.70 -24.60 1.14
C HIS A 625 16.49 -26.09 1.00
N GLY A 626 17.35 -26.90 1.56
CA GLY A 626 17.17 -28.33 1.50
C GLY A 626 16.23 -28.88 2.58
N GLU A 627 16.13 -30.20 2.65
CA GLU A 627 15.32 -30.81 3.68
C GLU A 627 16.02 -30.46 4.97
N GLY A 628 15.28 -30.02 5.96
CA GLY A 628 15.87 -29.65 7.22
C GLY A 628 16.31 -28.22 7.41
N THR A 629 16.17 -27.38 6.40
CA THR A 629 16.50 -25.98 6.56
C THR A 629 15.32 -25.15 7.01
N GLU A 630 15.55 -23.86 7.15
CA GLU A 630 14.51 -22.98 7.61
C GLU A 630 13.52 -22.63 6.53
N SER A 631 13.89 -22.90 5.29
CA SER A 631 13.07 -22.64 4.14
C SER A 631 12.64 -21.22 4.10
N GLU A 632 13.52 -20.32 4.51
CA GLU A 632 13.25 -18.91 4.62
C GLU A 632 13.19 -18.17 3.32
N PHE A 633 12.40 -17.11 3.26
CA PHE A 633 12.25 -16.27 2.09
C PHE A 633 12.24 -14.84 2.57
N SER A 634 12.56 -13.89 1.72
CA SER A 634 12.58 -12.48 2.10
C SER A 634 11.64 -11.66 1.24
N VAL A 635 10.92 -10.75 1.90
CA VAL A 635 9.93 -9.93 1.23
C VAL A 635 10.10 -8.45 1.55
N TYR A 636 10.36 -7.65 0.53
CA TYR A 636 10.18 -6.22 0.66
C TYR A 636 8.78 -5.89 0.18
N LEU A 637 7.92 -5.50 1.09
CA LEU A 637 6.51 -5.28 0.78
C LEU A 637 6.32 -4.08 -0.14
N PRO A 638 5.87 -4.34 -1.38
CA PRO A 638 5.57 -3.29 -2.36
C PRO A 638 4.62 -2.27 -1.75
N GLU A 639 4.83 -0.99 -2.03
CA GLU A 639 4.09 0.06 -1.33
C GLU A 639 2.59 0.05 -1.65
N ASP A 640 2.22 -0.48 -2.81
CA ASP A 640 0.82 -0.54 -3.21
C ASP A 640 0.14 -1.86 -2.86
N VAL A 641 0.87 -2.75 -2.19
CA VAL A 641 0.30 -4.04 -1.82
C VAL A 641 0.04 -4.10 -0.33
N ALA A 642 -1.17 -4.51 0.04
CA ALA A 642 -1.54 -4.63 1.44
C ALA A 642 -1.80 -6.08 1.80
N LEU A 643 -1.52 -6.44 3.04
CA LEU A 643 -1.83 -7.77 3.55
C LEU A 643 -3.08 -7.71 4.41
N VAL A 644 -4.22 -7.93 3.76
CA VAL A 644 -5.53 -7.79 4.38
C VAL A 644 -6.01 -9.12 4.93
N PRO A 645 -6.44 -9.13 6.21
CA PRO A 645 -6.90 -10.35 6.88
C PRO A 645 -8.16 -10.95 6.28
N VAL A 646 -8.09 -12.25 5.99
CA VAL A 646 -9.24 -13.02 5.59
C VAL A 646 -9.77 -13.78 6.80
N LYS A 647 -8.87 -14.29 7.63
CA LYS A 647 -9.38 -15.01 8.81
C LYS A 647 -8.43 -14.94 10.00
N VAL A 648 -8.99 -14.95 11.20
CA VAL A 648 -8.20 -15.11 12.43
C VAL A 648 -8.65 -16.37 13.16
N THR A 649 -7.70 -17.24 13.47
CA THR A 649 -8.04 -18.54 14.06
C THR A 649 -7.28 -18.83 15.36
N LEU A 650 -7.98 -19.44 16.31
CA LEU A 650 -7.36 -19.82 17.57
C LEU A 650 -6.80 -21.23 17.46
N ASP A 651 -5.47 -21.31 17.41
CA ASP A 651 -4.78 -22.58 17.34
C ASP A 651 -3.96 -22.86 18.60
N GLY A 652 -4.10 -24.09 19.10
CA GLY A 652 -3.41 -24.61 20.27
C GLY A 652 -2.91 -23.63 21.32
N LYS A 653 -1.73 -23.95 21.84
CA LYS A 653 -1.03 -23.08 22.77
C LYS A 653 0.46 -23.17 22.50
N THR A 654 1.21 -22.17 22.95
CA THR A 654 2.66 -22.23 22.85
C THR A 654 3.21 -23.27 23.81
N GLN A 655 4.54 -23.34 23.90
CA GLN A 655 5.17 -24.20 24.89
C GLN A 655 5.10 -23.53 26.25
N LYS A 656 4.98 -22.20 26.24
CA LYS A 656 4.89 -21.43 27.48
C LYS A 656 3.46 -21.36 27.99
N GLY A 657 2.51 -21.92 27.23
CA GLY A 657 1.13 -22.02 27.68
C GLY A 657 0.11 -21.08 27.04
N GLU A 658 0.55 -19.89 26.64
CA GLU A 658 -0.37 -18.92 26.06
C GLU A 658 -0.90 -19.38 24.70
N ASN A 659 -2.15 -19.06 24.43
CA ASN A 659 -2.84 -19.48 23.19
C ASN A 659 -2.14 -18.96 21.94
N ARG A 660 -2.19 -19.74 20.86
CA ARG A 660 -1.54 -19.27 19.64
C ARG A 660 -2.60 -18.79 18.67
N TYR A 661 -2.40 -17.61 18.09
CA TYR A 661 -3.37 -17.11 17.13
C TYR A 661 -2.75 -17.06 15.75
N VAL A 662 -3.42 -17.61 14.77
CA VAL A 662 -2.91 -17.49 13.43
C VAL A 662 -3.88 -16.76 12.54
N PHE A 663 -3.42 -15.67 11.95
CA PHE A 663 -4.19 -14.79 11.11
C PHE A 663 -3.77 -15.05 9.72
N THR A 664 -4.68 -15.30 8.81
CA THR A 664 -4.33 -15.57 7.45
C THR A 664 -4.64 -14.34 6.65
N PHE A 665 -3.68 -13.83 5.91
CA PHE A 665 -3.81 -12.58 5.25
C PHE A 665 -3.78 -12.90 3.82
N VAL A 666 -4.28 -12.00 3.02
CA VAL A 666 -4.26 -12.12 1.56
C VAL A 666 -3.71 -10.85 0.95
N ALA A 667 -2.68 -10.99 0.12
CA ALA A 667 -2.06 -9.85 -0.52
C ALA A 667 -2.98 -9.25 -1.57
N VAL A 668 -3.18 -7.94 -1.48
CA VAL A 668 -3.98 -7.20 -2.46
C VAL A 668 -3.25 -5.95 -2.92
N LYS A 669 -3.07 -5.82 -4.23
CA LYS A 669 -2.36 -4.69 -4.83
C LYS A 669 -3.33 -3.62 -5.35
N SER A 670 -3.09 -2.37 -4.97
CA SER A 670 -3.94 -1.26 -5.42
C SER A 670 -3.31 0.08 -5.17
N PRO A 671 -3.55 1.06 -6.05
CA PRO A 671 -2.97 2.39 -5.85
C PRO A 671 -3.60 3.12 -4.66
N ASP A 672 -4.54 2.47 -3.98
CA ASP A 672 -5.14 3.04 -2.77
C ASP A 672 -4.26 2.80 -1.56
N PHE A 673 -3.18 2.04 -1.75
CA PHE A 673 -2.31 1.69 -0.64
C PHE A 673 -1.01 2.49 -0.71
N THR A 674 -0.69 3.03 -1.89
CA THR A 674 0.50 3.86 -2.03
C THR A 674 0.39 5.06 -1.11
N PRO A 675 1.37 5.21 -0.21
CA PRO A 675 1.39 6.35 0.72
C PRO A 675 1.67 7.65 -0.01
N ARG A 676 1.20 8.78 0.55
CA ARG A 676 1.47 10.07 -0.05
C ARG A 676 2.75 10.65 0.53
N HIS A 677 3.69 10.99 -0.35
CA HIS A 677 4.98 11.53 0.07
C HIS A 677 5.34 12.77 -0.73
N GLU A 678 5.47 13.91 -0.04
CA GLU A 678 5.92 15.14 -0.67
C GLU A 678 7.31 14.93 -1.26
N SER A 679 7.41 15.02 -2.58
CA SER A 679 8.67 14.78 -3.27
C SER A 679 9.70 15.85 -2.95
N GLY A 680 10.96 15.57 -3.25
CA GLY A 680 12.02 16.55 -3.05
C GLY A 680 12.84 16.29 -1.81
N TYR A 681 12.50 15.25 -1.07
CA TYR A 681 13.22 14.94 0.16
C TYR A 681 14.62 14.44 -0.13
N ALA A 682 14.81 13.89 -1.33
CA ALA A 682 16.11 13.38 -1.71
C ALA A 682 16.66 14.10 -2.92
N VAL A 683 15.79 14.46 -3.84
CA VAL A 683 16.24 15.03 -5.11
C VAL A 683 16.75 16.45 -4.95
N GLU A 684 16.19 17.21 -4.00
CA GLU A 684 16.60 18.60 -3.82
C GLU A 684 18.04 18.74 -3.31
N PRO A 685 18.42 17.99 -2.26
CA PRO A 685 19.83 18.09 -1.86
C PRO A 685 20.78 17.58 -2.96
N PHE A 686 20.30 16.67 -3.80
CA PHE A 686 21.09 16.15 -4.90
C PHE A 686 21.30 17.24 -5.96
N LEU A 687 20.27 18.04 -6.19
CA LEU A 687 20.35 19.16 -7.11
C LEU A 687 21.27 20.24 -6.54
N ARG A 688 21.27 20.42 -5.23
CA ARG A 688 22.22 21.34 -4.61
C ARG A 688 23.65 20.82 -4.80
N MET A 689 23.82 19.51 -4.63
CA MET A 689 25.12 18.87 -4.84
C MET A 689 25.64 19.15 -6.25
N GLN A 690 24.79 18.96 -7.24
CA GLN A 690 25.16 19.21 -8.63
C GLN A 690 25.46 20.69 -8.86
N ALA A 691 24.66 21.56 -8.25
CA ALA A 691 24.85 23.00 -8.38
C ALA A 691 26.24 23.41 -7.89
N ALA A 692 26.66 22.86 -6.75
CA ALA A 692 27.98 23.15 -6.22
C ALA A 692 29.07 22.60 -7.12
N LYS A 693 28.89 21.33 -7.51
CA LYS A 693 29.86 20.65 -8.36
C LYS A 693 30.14 21.44 -9.63
N LEU A 694 29.07 21.99 -10.21
CA LEU A 694 29.22 22.85 -11.38
C LEU A 694 29.82 24.20 -11.03
N ALA A 695 29.47 24.73 -9.86
CA ALA A 695 29.96 26.02 -9.40
C ALA A 695 31.49 26.08 -9.37
N GLU A 696 32.10 25.03 -8.81
CA GLU A 696 33.56 24.96 -8.77
C GLU A 696 34.17 25.02 -10.17
N VAL A 697 33.54 24.30 -11.10
CA VAL A 697 33.98 24.28 -12.49
C VAL A 697 33.89 25.65 -13.13
N LYS A 698 32.74 26.31 -12.99
CA LYS A 698 32.55 27.65 -13.54
C LYS A 698 33.58 28.63 -13.00
N SER A 699 33.86 28.55 -11.70
CA SER A 699 34.88 29.40 -11.10
C SER A 699 36.26 29.14 -11.71
N SER A 700 36.64 27.86 -11.71
CA SER A 700 37.94 27.45 -12.25
C SER A 700 38.14 27.93 -13.69
N ILE A 701 37.11 27.76 -14.53
CA ILE A 701 37.17 28.18 -15.93
C ILE A 701 37.23 29.70 -16.04
N GLU A 702 36.43 30.38 -15.22
CA GLU A 702 36.38 31.83 -15.24
C GLU A 702 37.73 32.44 -14.87
N LYS A 703 38.49 31.75 -14.02
CA LYS A 703 39.78 32.28 -13.58
C LYS A 703 40.95 31.86 -14.48
N ALA A 704 40.93 30.63 -14.94
CA ALA A 704 42.02 30.14 -15.72
C ALA A 704 42.19 30.95 -16.96
N GLN A 705 41.11 31.14 -17.69
CA GLN A 705 41.18 31.72 -19.02
C GLN A 705 41.11 33.23 -19.14
N ARG A 706 41.63 33.74 -20.25
CA ARG A 706 41.82 35.15 -20.48
C ARG A 706 40.47 35.75 -20.61
N ALA A 707 40.32 37.04 -20.35
CA ALA A 707 39.03 37.72 -20.47
C ALA A 707 38.89 38.22 -21.85
N PRO A 708 37.96 39.12 -22.05
CA PRO A 708 37.71 39.62 -23.39
C PRO A 708 38.63 40.74 -23.81
N ASP A 709 39.29 40.56 -24.94
CA ASP A 709 39.98 41.64 -25.59
C ASP A 709 39.28 41.81 -26.88
N LEU A 710 38.84 43.01 -27.17
CA LEU A 710 38.07 43.27 -28.38
C LEU A 710 38.77 44.11 -29.40
N GLU A 711 40.02 44.43 -29.18
CA GLU A 711 40.80 45.03 -30.21
C GLU A 711 40.95 43.95 -31.26
N THR A 712 41.09 42.74 -30.79
CA THR A 712 41.31 41.61 -31.69
C THR A 712 40.21 41.58 -32.75
N ILE A 713 38.96 41.60 -32.30
CA ILE A 713 37.82 41.64 -33.20
C ILE A 713 37.92 42.81 -34.16
N PHE A 714 38.12 44.00 -33.60
CA PHE A 714 38.23 45.21 -34.40
C PHE A 714 39.34 45.08 -35.45
N ASN A 715 40.48 44.53 -35.03
CA ASN A 715 41.60 44.35 -35.95
C ASN A 715 41.30 43.38 -37.08
N LEU A 716 40.59 42.30 -36.77
CA LEU A 716 40.26 41.34 -37.81
C LEU A 716 39.21 41.90 -38.76
N GLN A 717 38.34 42.76 -38.26
CA GLN A 717 37.37 43.42 -39.12
C GLN A 717 38.07 44.38 -40.07
N ASN A 718 38.98 45.16 -39.50
CA ASN A 718 39.81 46.08 -40.28
C ASN A 718 40.63 45.36 -41.34
N GLU A 719 41.17 44.20 -40.98
CA GLU A 719 41.91 43.38 -41.93
C GLU A 719 40.97 42.82 -43.00
N VAL A 720 39.74 42.52 -42.61
CA VAL A 720 38.74 42.04 -43.55
C VAL A 720 38.52 43.10 -44.62
N GLU A 721 38.42 44.36 -44.20
CA GLU A 721 38.27 45.44 -45.16
C GLU A 721 39.57 45.69 -45.94
N ALA A 722 40.72 45.36 -45.34
CA ALA A 722 42.01 45.63 -45.96
C ALA A 722 42.38 44.64 -47.06
N VAL A 723 41.98 43.38 -46.90
CA VAL A 723 42.32 42.33 -47.87
C VAL A 723 41.61 42.50 -49.20
N GLN A 724 40.79 43.54 -49.32
CA GLN A 724 40.07 43.81 -50.56
C GLN A 724 41.02 44.31 -51.63
N TYR A 725 42.19 44.80 -51.22
CA TYR A 725 43.18 45.33 -52.14
C TYR A 725 44.45 44.49 -52.14
N SER A 726 44.32 43.17 -52.12
CA SER A 726 45.45 42.31 -51.79
C SER A 726 46.04 41.49 -52.95
N HIS A 727 45.29 41.36 -54.04
CA HIS A 727 45.67 40.54 -55.20
C HIS A 727 45.64 39.04 -54.88
N LEU A 728 45.16 38.71 -53.69
CA LEU A 728 45.15 37.32 -53.23
C LEU A 728 44.25 36.46 -54.11
N SER A 729 42.96 36.71 -54.03
CA SER A 729 41.98 35.98 -54.82
C SER A 729 40.62 36.67 -54.74
N THR A 730 39.72 36.31 -55.64
CA THR A 730 38.34 36.75 -55.51
C THR A 730 37.71 35.99 -54.35
N GLY A 731 38.03 34.71 -54.28
CA GLY A 731 37.48 33.81 -53.28
C GLY A 731 37.76 34.23 -51.85
N TYR A 732 39.00 34.57 -51.55
CA TYR A 732 39.39 34.97 -50.20
C TYR A 732 38.74 36.29 -49.81
N LYS A 733 38.75 37.25 -50.73
CA LYS A 733 38.11 38.55 -50.49
C LYS A 733 36.64 38.35 -50.15
N ASN A 734 35.93 37.61 -50.99
CA ASN A 734 34.52 37.35 -50.76
C ASN A 734 34.28 36.54 -49.50
N PHE A 735 35.26 35.73 -49.12
CA PHE A 735 35.15 34.91 -47.92
C PHE A 735 35.23 35.78 -46.67
N LEU A 736 36.19 36.69 -46.62
CA LEU A 736 36.33 37.57 -45.47
C LEU A 736 35.18 38.59 -45.41
N LYS A 737 34.81 39.11 -46.58
CA LYS A 737 33.77 40.14 -46.64
C LYS A 737 32.39 39.55 -46.32
N ASN A 738 31.97 38.57 -47.12
CA ASN A 738 30.61 38.04 -47.03
C ASN A 738 30.40 37.03 -45.91
N THR A 739 31.38 36.17 -45.66
CA THR A 739 31.21 35.09 -44.69
C THR A 739 31.74 35.48 -43.31
N VAL A 740 33.00 35.87 -43.24
CA VAL A 740 33.63 36.17 -41.96
C VAL A 740 33.08 37.46 -41.34
N GLY A 741 33.02 38.51 -42.17
CA GLY A 741 32.52 39.82 -41.74
C GLY A 741 31.32 39.86 -40.82
N PRO A 742 30.19 39.27 -41.25
CA PRO A 742 28.99 39.28 -40.41
C PRO A 742 29.16 38.45 -39.13
N VAL A 743 29.90 37.35 -39.20
CA VAL A 743 30.18 36.54 -38.01
C VAL A 743 30.90 37.39 -36.97
N LEU A 744 31.91 38.13 -37.42
CA LEU A 744 32.60 39.08 -36.57
C LEU A 744 31.63 40.12 -36.02
N GLU A 745 30.72 40.58 -36.87
CA GLU A 745 29.72 41.56 -36.49
C GLU A 745 28.90 41.09 -35.30
N ASN A 746 28.35 39.89 -35.43
CA ASN A 746 27.51 39.30 -34.39
C ASN A 746 28.26 38.96 -33.13
N SER A 747 29.48 38.44 -33.29
CA SER A 747 30.32 38.12 -32.13
C SER A 747 30.57 39.39 -31.33
N LEU A 748 30.95 40.46 -32.03
CA LEU A 748 31.20 41.75 -31.41
C LEU A 748 29.94 42.26 -30.69
N SER A 749 28.82 42.25 -31.40
CA SER A 749 27.55 42.70 -30.85
C SER A 749 27.17 41.96 -29.57
N GLY A 750 27.22 40.63 -29.62
CA GLY A 750 26.84 39.81 -28.49
C GLY A 750 27.77 39.98 -27.29
N LEU A 751 29.08 39.89 -27.55
CA LEU A 751 30.08 40.07 -26.50
C LEU A 751 29.97 41.44 -25.83
N MET A 752 29.66 42.46 -26.61
CA MET A 752 29.46 43.78 -26.08
C MET A 752 28.27 43.89 -25.16
N GLU A 753 27.16 43.25 -25.52
CA GLU A 753 25.98 43.33 -24.66
C GLU A 753 25.42 41.97 -24.30
N SER A 754 25.33 41.70 -23.01
CA SER A 754 24.59 40.55 -22.57
C SER A 754 25.16 39.34 -23.22
N ASP A 755 24.24 38.48 -23.63
CA ASP A 755 24.45 37.43 -24.62
C ASP A 755 23.28 37.29 -25.57
N THR A 756 22.36 36.42 -25.22
CA THR A 756 21.26 35.97 -26.04
C THR A 756 21.80 34.87 -26.88
N ASP A 757 20.94 34.31 -27.71
CA ASP A 757 21.32 33.23 -28.58
C ASP A 757 22.26 33.73 -29.63
N THR A 758 22.37 35.04 -29.77
CA THR A 758 23.16 35.61 -30.82
C THR A 758 24.55 35.10 -30.62
N LEU A 759 24.97 35.03 -29.38
CA LEU A 759 26.27 34.45 -29.10
C LEU A 759 26.34 33.00 -29.53
N SER A 760 25.38 32.22 -29.02
CA SER A 760 25.31 30.79 -29.29
C SER A 760 25.19 30.49 -30.79
N LYS A 761 24.53 31.38 -31.52
CA LYS A 761 24.36 31.22 -32.96
C LYS A 761 25.62 31.66 -33.70
N ALA A 762 26.20 32.78 -33.24
CA ALA A 762 27.44 33.30 -33.83
C ALA A 762 28.53 32.24 -33.80
N LEU A 763 28.69 31.61 -32.63
CA LEU A 763 29.68 30.55 -32.47
C LEU A 763 29.47 29.43 -33.49
N ALA A 764 28.21 29.21 -33.87
CA ALA A 764 27.90 28.20 -34.88
C ALA A 764 28.18 28.71 -36.28
N ALA A 765 28.18 30.04 -36.45
CA ALA A 765 28.41 30.65 -37.76
C ALA A 765 29.88 30.62 -38.18
N PHE A 766 30.77 30.36 -37.23
CA PHE A 766 32.21 30.30 -37.49
C PHE A 766 32.54 29.26 -38.56
N PRO A 767 33.16 29.71 -39.67
CA PRO A 767 33.58 28.83 -40.76
C PRO A 767 34.47 27.69 -40.28
N SER A 768 34.21 26.49 -40.78
CA SER A 768 34.94 25.30 -40.35
C SER A 768 36.39 25.32 -40.81
N ASP A 769 37.22 24.52 -40.16
CA ASP A 769 38.63 24.39 -40.54
C ASP A 769 38.77 23.91 -41.98
N THR A 770 37.78 23.16 -42.45
CA THR A 770 37.79 22.66 -43.81
C THR A 770 37.59 23.81 -44.81
N GLN A 771 36.73 24.75 -44.46
CA GLN A 771 36.49 25.92 -45.30
C GLN A 771 37.76 26.76 -45.42
N TRP A 772 38.46 26.93 -44.30
CA TRP A 772 39.72 27.66 -44.28
C TRP A 772 40.81 26.90 -45.04
N SER A 773 40.71 25.57 -45.05
CA SER A 773 41.70 24.74 -45.71
C SER A 773 41.61 24.82 -47.23
N ALA A 774 40.42 25.15 -47.72
CA ALA A 774 40.18 25.25 -49.15
C ALA A 774 40.85 26.49 -49.75
N PHE A 775 41.38 27.33 -48.88
CA PHE A 775 42.06 28.54 -49.32
C PHE A 775 43.57 28.36 -49.31
N ASN A 776 44.05 27.40 -50.11
CA ASN A 776 45.47 27.19 -50.35
C ASN A 776 46.32 27.22 -49.08
N PHE A 777 47.27 28.13 -49.08
CA PHE A 777 48.06 28.45 -47.90
C PHE A 777 48.73 29.79 -48.13
N GLU A 778 48.46 30.74 -47.24
CA GLU A 778 48.86 32.11 -47.46
C GLU A 778 48.78 32.96 -46.21
N GLU A 779 47.93 33.98 -46.26
CA GLU A 779 47.68 34.85 -45.12
C GLU A 779 46.34 34.42 -44.51
N ALA A 780 45.76 33.42 -45.16
CA ALA A 780 44.53 32.80 -44.68
C ALA A 780 44.79 32.09 -43.36
N ARG A 781 45.97 31.51 -43.21
CA ARG A 781 46.38 30.90 -41.95
C ARG A 781 46.47 31.97 -40.86
N GLN A 782 47.02 33.12 -41.24
CA GLN A 782 47.30 34.20 -40.31
C GLN A 782 46.02 34.89 -39.88
N ALA A 783 45.01 34.82 -40.74
CA ALA A 783 43.68 35.30 -40.40
C ALA A 783 42.96 34.25 -39.57
N LYS A 784 43.26 32.98 -39.86
CA LYS A 784 42.58 31.89 -39.20
C LYS A 784 42.96 31.79 -37.73
N ARG A 785 44.23 31.99 -37.40
CA ARG A 785 44.60 31.89 -35.98
C ARG A 785 43.99 33.03 -35.18
N GLN A 786 43.81 34.18 -35.84
CA GLN A 786 43.07 35.28 -35.21
C GLN A 786 41.63 34.85 -34.98
N MET A 787 41.03 34.28 -36.02
CA MET A 787 39.64 33.80 -35.98
C MET A 787 39.45 32.76 -34.87
N ASP A 788 40.48 31.96 -34.63
CA ASP A 788 40.42 30.93 -33.59
C ASP A 788 40.58 31.57 -32.22
N ALA A 789 41.40 32.60 -32.13
CA ALA A 789 41.52 33.36 -30.89
C ALA A 789 40.14 33.91 -30.51
N ILE A 790 39.47 34.51 -31.49
CA ILE A 790 38.13 35.03 -31.28
C ILE A 790 37.15 33.91 -30.94
N LYS A 791 37.30 32.77 -31.58
CA LYS A 791 36.35 31.72 -31.37
C LYS A 791 36.37 31.28 -29.98
N GLN A 792 37.54 31.10 -29.41
CA GLN A 792 37.63 30.75 -28.02
C GLN A 792 37.19 31.88 -27.13
N MET A 793 37.31 33.10 -27.62
CA MET A 793 36.93 34.23 -26.84
C MET A 793 35.48 34.15 -26.60
N VAL A 794 34.77 33.73 -27.63
CA VAL A 794 33.32 33.62 -27.52
C VAL A 794 32.91 32.31 -26.85
N GLY A 795 33.66 31.25 -27.12
CA GLY A 795 33.41 29.95 -26.52
C GLY A 795 33.38 30.03 -25.00
N ASN A 796 34.43 30.60 -24.43
CA ASN A 796 34.50 30.76 -22.99
C ASN A 796 33.29 31.51 -22.44
N LYS A 797 32.86 32.53 -23.17
CA LYS A 797 31.71 33.33 -22.76
C LYS A 797 30.43 32.51 -22.75
N VAL A 798 30.22 31.76 -23.83
CA VAL A 798 29.02 30.94 -23.95
C VAL A 798 28.97 29.88 -22.86
N VAL A 799 30.08 29.18 -22.65
CA VAL A 799 30.12 28.17 -21.60
C VAL A 799 29.86 28.78 -20.23
N LEU A 800 30.46 29.94 -19.98
CA LEU A 800 30.27 30.63 -18.70
C LEU A 800 28.81 31.00 -18.46
N ASP A 801 28.17 31.61 -19.46
CA ASP A 801 26.78 32.03 -19.33
C ASP A 801 25.83 30.83 -19.25
N ALA A 802 26.14 29.77 -19.98
CA ALA A 802 25.36 28.55 -19.94
C ALA A 802 25.40 27.98 -18.54
N LEU A 803 26.60 27.89 -17.97
CA LEU A 803 26.77 27.40 -16.61
C LEU A 803 25.99 28.24 -15.60
N THR A 804 26.11 29.56 -15.71
CA THR A 804 25.46 30.46 -14.76
C THR A 804 23.94 30.32 -14.84
N GLN A 805 23.43 30.28 -16.07
CA GLN A 805 22.00 30.15 -16.32
C GLN A 805 21.48 28.82 -15.77
N CYS A 806 22.21 27.75 -16.06
CA CYS A 806 21.88 26.41 -15.57
C CYS A 806 21.82 26.40 -14.06
N GLN A 807 22.78 27.06 -13.42
CA GLN A 807 22.84 27.12 -11.97
C GLN A 807 21.65 27.91 -11.42
N ASP A 808 21.25 28.94 -12.14
CA ASP A 808 20.07 29.73 -11.76
C ASP A 808 18.80 28.89 -11.87
N ALA A 809 18.80 28.01 -12.86
CA ALA A 809 17.78 27.01 -13.02
C ALA A 809 17.81 26.00 -11.94
N LEU A 810 18.96 25.57 -11.50
CA LEU A 810 18.97 24.58 -10.45
C LEU A 810 18.39 25.11 -9.16
N GLU A 811 18.67 26.34 -8.85
CA GLU A 811 18.29 26.91 -7.57
C GLU A 811 16.80 26.86 -7.43
N LYS A 812 16.10 27.12 -8.51
CA LYS A 812 14.66 27.13 -8.53
C LYS A 812 14.15 25.76 -8.82
N GLN A 813 15.03 24.78 -8.85
CA GLN A 813 14.66 23.39 -8.74
C GLN A 813 14.16 22.89 -10.04
N ASN A 814 14.14 23.74 -11.04
CA ASN A 814 13.78 23.31 -12.35
C ASN A 814 14.87 22.53 -12.94
N ILE A 815 14.66 21.25 -12.92
CA ILE A 815 15.60 20.23 -13.38
C ILE A 815 15.73 20.22 -14.90
N ALA A 816 14.67 20.61 -15.59
CA ALA A 816 14.65 20.57 -17.06
C ALA A 816 15.46 21.71 -17.68
N GLY A 817 15.24 22.92 -17.17
CA GLY A 817 15.95 24.09 -17.66
C GLY A 817 17.45 23.97 -17.51
N ALA A 818 17.88 23.29 -16.47
CA ALA A 818 19.27 23.02 -16.28
C ALA A 818 19.78 22.23 -17.41
N LEU A 819 19.02 21.24 -17.84
CA LEU A 819 19.44 20.44 -18.96
C LEU A 819 19.49 21.29 -20.16
N ASP A 820 18.55 22.21 -20.28
CA ASP A 820 18.49 23.03 -21.46
C ASP A 820 19.73 23.83 -21.59
N ALA A 821 20.17 24.46 -20.51
CA ALA A 821 21.37 25.25 -20.58
C ALA A 821 22.57 24.42 -20.86
N LEU A 822 22.70 23.33 -20.16
CA LEU A 822 23.91 22.54 -20.25
C LEU A 822 24.06 22.06 -21.64
N LYS A 823 22.98 22.00 -22.37
CA LYS A 823 23.02 21.57 -23.75
C LYS A 823 23.86 22.54 -24.53
N LYS A 824 23.84 23.75 -24.04
CA LYS A 824 24.46 24.88 -24.67
C LYS A 824 25.97 24.78 -24.80
N ILE A 825 26.61 23.99 -23.95
CA ILE A 825 28.04 23.99 -23.92
C ILE A 825 28.47 23.58 -25.30
N PRO A 826 29.46 24.23 -25.83
CA PRO A 826 29.87 23.98 -27.20
C PRO A 826 30.36 22.60 -27.46
N SER A 827 31.08 22.01 -26.53
CA SER A 827 31.74 20.73 -26.72
C SER A 827 33.06 20.97 -27.43
N GLU A 828 33.85 19.92 -27.66
CA GLU A 828 35.17 20.13 -28.22
C GLU A 828 34.92 20.70 -29.57
N LYS A 829 35.79 21.60 -29.99
CA LYS A 829 35.71 22.32 -31.24
C LYS A 829 34.80 23.44 -30.84
N GLU A 830 34.88 24.59 -31.48
CA GLU A 830 34.08 25.72 -31.03
C GLU A 830 34.63 26.11 -29.64
N MET A 831 34.59 25.15 -28.73
CA MET A 831 35.22 25.28 -27.46
C MET A 831 36.06 24.06 -27.37
N GLY A 832 37.07 24.11 -26.51
CA GLY A 832 38.12 23.14 -26.55
C GLY A 832 39.31 23.79 -25.93
N THR A 833 39.07 24.94 -25.35
CA THR A 833 40.09 25.63 -24.64
C THR A 833 39.91 25.27 -23.21
N ILE A 834 39.07 24.28 -22.90
CA ILE A 834 38.81 23.94 -21.52
C ILE A 834 39.32 22.56 -21.18
N ARG A 835 40.03 22.44 -20.09
CA ARG A 835 40.69 21.19 -19.78
C ARG A 835 39.69 20.19 -19.38
N ARG A 836 40.13 18.97 -19.24
CA ARG A 836 39.22 17.87 -18.91
C ARG A 836 38.58 18.03 -17.55
N GLU A 837 37.93 19.17 -17.35
CA GLU A 837 36.89 19.30 -16.35
C GLU A 837 35.57 19.23 -17.12
N LEU A 838 35.71 19.00 -18.43
CA LEU A 838 34.58 18.63 -19.28
C LEU A 838 33.95 17.35 -18.77
N ARG A 839 34.79 16.50 -18.18
CA ARG A 839 34.36 15.26 -17.55
C ARG A 839 33.27 15.55 -16.53
N GLU A 840 33.56 16.44 -15.59
CA GLU A 840 32.61 16.79 -14.54
C GLU A 840 31.31 17.33 -15.12
N GLN A 841 31.46 18.18 -16.13
CA GLN A 841 30.32 18.84 -16.75
C GLN A 841 29.37 17.87 -17.44
N ILE A 842 29.91 17.07 -18.35
CA ILE A 842 29.11 16.08 -19.05
C ILE A 842 28.58 15.06 -18.04
N GLN A 843 29.30 14.87 -16.95
CA GLN A 843 28.85 13.97 -15.89
C GLN A 843 27.58 14.50 -15.22
N SER A 844 27.54 15.80 -14.92
CA SER A 844 26.35 16.39 -14.32
C SER A 844 25.19 16.38 -15.32
N ALA A 845 25.51 16.68 -16.58
CA ALA A 845 24.53 16.57 -17.66
C ALA A 845 23.91 15.18 -17.66
N ARG A 846 24.75 14.16 -17.43
CA ARG A 846 24.30 12.79 -17.36
C ARG A 846 23.43 12.53 -16.13
N GLN A 847 23.78 13.15 -15.01
CA GLN A 847 23.00 13.00 -13.78
C GLN A 847 21.58 13.50 -13.98
N GLU A 848 21.44 14.65 -14.65
CA GLU A 848 20.11 15.19 -14.89
C GLU A 848 19.37 14.46 -16.01
N LEU A 849 20.11 14.01 -17.02
CA LEU A 849 19.54 13.14 -18.05
C LEU A 849 18.87 11.95 -17.38
N GLU A 850 19.56 11.40 -16.39
CA GLU A 850 19.07 10.22 -15.67
C GLU A 850 17.90 10.58 -14.75
N SER A 851 17.99 11.72 -14.09
CA SER A 851 16.92 12.17 -13.20
C SER A 851 15.64 12.50 -13.97
N LEU A 852 15.75 12.73 -15.27
CA LEU A 852 14.54 13.01 -16.07
C LEU A 852 13.87 11.71 -16.55
N GLN A 853 14.48 10.57 -16.24
CA GLN A 853 13.88 9.28 -16.58
C GLN A 853 12.87 8.82 -15.52
N ARG A 854 12.56 9.72 -14.59
CA ARG A 854 11.61 9.42 -13.52
C ARG A 854 10.21 9.08 -14.05
N ALA A 855 9.60 8.07 -13.45
CA ALA A 855 8.23 7.68 -13.80
C ALA A 855 7.30 8.00 -12.65
N VAL A 856 6.54 9.07 -12.78
CA VAL A 856 5.61 9.48 -11.73
C VAL A 856 4.33 8.65 -11.81
N VAL A 857 4.11 7.82 -10.79
CA VAL A 857 3.06 6.81 -10.81
C VAL A 857 1.73 7.35 -10.26
N THR A 858 0.68 7.16 -11.03
CA THR A 858 -0.64 7.72 -10.71
C THR A 858 -1.25 7.15 -9.44
N PRO A 859 -1.88 8.02 -8.62
CA PRO A 859 -2.60 7.59 -7.41
C PRO A 859 -4.10 7.39 -7.64
N VAL A 860 -4.63 7.93 -8.74
CA VAL A 860 -6.02 7.70 -9.09
C VAL A 860 -6.12 7.11 -10.50
N VAL A 861 -5.95 5.80 -10.58
CA VAL A 861 -6.07 5.09 -11.86
C VAL A 861 -7.52 5.07 -12.33
N THR A 862 -7.70 4.77 -13.61
CA THR A 862 -9.00 4.68 -14.31
C THR A 862 -10.24 5.05 -13.50
N ASP A 863 -10.35 4.43 -12.33
CA ASP A 863 -11.50 4.56 -11.47
C ASP A 863 -11.56 5.89 -10.74
N GLU A 864 -11.55 6.98 -11.50
CA GLU A 864 -11.92 8.27 -10.95
C GLU A 864 -13.38 8.14 -10.50
N LYS A 865 -14.17 7.42 -11.29
CA LYS A 865 -15.57 7.22 -10.97
C LYS A 865 -15.71 6.42 -9.67
N LYS A 866 -14.98 5.31 -9.55
CA LYS A 866 -15.02 4.51 -8.34
C LYS A 866 -14.55 5.29 -7.12
N VAL A 867 -13.44 6.03 -7.27
CA VAL A 867 -12.93 6.82 -6.15
C VAL A 867 -13.93 7.88 -5.70
N ARG A 868 -14.50 8.60 -6.67
CA ARG A 868 -15.48 9.65 -6.39
C ARG A 868 -16.74 9.11 -5.73
N GLU A 869 -17.38 8.14 -6.38
CA GLU A 869 -18.59 7.54 -5.84
C GLU A 869 -18.35 7.01 -4.44
N ARG A 870 -17.22 6.32 -4.26
CA ARG A 870 -16.85 5.79 -2.95
C ARG A 870 -16.73 6.90 -1.91
N TYR A 871 -16.11 8.02 -2.28
CA TYR A 871 -16.01 9.13 -1.35
C TYR A 871 -17.38 9.64 -0.94
N ASP A 872 -18.25 9.86 -1.93
CA ASP A 872 -19.60 10.34 -1.65
C ASP A 872 -20.34 9.42 -0.68
N ALA A 873 -20.29 8.11 -0.96
CA ALA A 873 -20.90 7.14 -0.08
C ALA A 873 -20.31 7.23 1.33
N LEU A 874 -18.99 7.35 1.40
CA LEU A 874 -18.27 7.42 2.67
C LEU A 874 -18.71 8.61 3.51
N ILE A 875 -18.83 9.76 2.88
CA ILE A 875 -19.11 10.98 3.61
C ILE A 875 -20.58 11.05 3.98
N GLU A 876 -21.44 10.46 3.15
CA GLU A 876 -22.86 10.37 3.51
C GLU A 876 -23.04 9.46 4.71
N ASN A 877 -22.36 8.32 4.69
CA ASN A 877 -22.38 7.38 5.80
C ASN A 877 -21.89 8.02 7.09
N THR A 878 -20.73 8.65 7.04
CA THR A 878 -20.14 9.27 8.22
C THR A 878 -21.03 10.41 8.74
N SER A 879 -21.49 11.26 7.84
CA SER A 879 -22.34 12.39 8.24
C SER A 879 -23.65 11.89 8.84
N LYS A 880 -24.14 10.76 8.35
CA LYS A 880 -25.36 10.17 8.87
C LYS A 880 -25.11 9.66 10.29
N LYS A 881 -23.95 9.04 10.49
CA LYS A 881 -23.59 8.58 11.83
C LYS A 881 -23.52 9.75 12.81
N ILE A 882 -22.82 10.80 12.40
CA ILE A 882 -22.66 11.98 13.24
C ILE A 882 -23.99 12.64 13.57
N THR A 883 -24.79 12.91 12.54
CA THR A 883 -26.07 13.58 12.72
C THR A 883 -27.05 12.70 13.50
N GLU A 884 -26.82 11.39 13.47
CA GLU A 884 -27.58 10.47 14.30
C GLU A 884 -27.14 10.64 15.75
N LEU A 885 -25.84 10.86 15.95
CA LEU A 885 -25.30 11.09 17.28
C LEU A 885 -25.57 12.52 17.75
N GLU A 886 -26.14 13.33 16.86
CA GLU A 886 -26.43 14.72 17.17
C GLU A 886 -27.70 14.84 18.00
N THR A 887 -28.69 14.02 17.64
CA THR A 887 -29.96 13.97 18.34
C THR A 887 -29.98 12.82 19.35
N GLY A 888 -28.80 12.42 19.78
CA GLY A 888 -28.65 11.34 20.75
C GLY A 888 -29.33 11.71 22.07
N LYS A 889 -30.33 10.93 22.46
CA LYS A 889 -30.94 11.08 23.78
C LYS A 889 -30.10 10.32 24.80
N LEU A 890 -29.53 11.04 25.76
CA LEU A 890 -28.63 10.46 26.75
C LEU A 890 -29.23 10.53 28.15
N PRO A 891 -30.01 9.51 28.54
CA PRO A 891 -30.71 9.57 29.82
C PRO A 891 -29.87 9.06 31.00
N ASN A 892 -28.96 8.13 30.75
CA ASN A 892 -28.11 7.59 31.80
C ASN A 892 -26.64 7.62 31.43
N LEU A 893 -25.81 6.86 32.16
CA LEU A 893 -24.37 6.94 31.99
C LEU A 893 -23.86 6.03 30.87
N ASP A 894 -24.44 4.83 30.76
CA ASP A 894 -24.05 3.88 29.73
C ASP A 894 -24.22 4.50 28.35
N ALA A 895 -25.32 5.19 28.16
CA ALA A 895 -25.59 5.89 26.90
C ALA A 895 -24.46 6.87 26.60
N VAL A 896 -24.00 7.58 27.62
CA VAL A 896 -22.92 8.54 27.45
C VAL A 896 -21.61 7.84 27.08
N LYS A 897 -21.36 6.69 27.69
CA LYS A 897 -20.19 5.89 27.32
C LYS A 897 -20.21 5.52 25.84
N LYS A 898 -21.32 4.95 25.41
CA LYS A 898 -21.44 4.52 24.02
C LYS A 898 -21.35 5.71 23.08
N GLY A 899 -21.89 6.84 23.51
CA GLY A 899 -21.82 8.07 22.73
C GLY A 899 -20.40 8.58 22.58
N ILE A 900 -19.60 8.44 23.62
CA ILE A 900 -18.22 8.91 23.60
C ILE A 900 -17.36 8.02 22.73
N SER A 901 -17.48 6.71 22.89
CA SER A 901 -16.73 5.78 22.05
C SER A 901 -17.10 5.98 20.59
N ASN A 902 -18.40 6.14 20.35
CA ASN A 902 -18.90 6.52 19.04
C ASN A 902 -18.18 7.75 18.51
N LEU A 903 -18.15 8.79 19.34
CA LEU A 903 -17.50 10.06 18.97
C LEU A 903 -16.03 9.83 18.57
N SER A 904 -15.34 8.95 19.28
CA SER A 904 -13.96 8.63 18.96
C SER A 904 -13.82 7.98 17.58
N ASN A 905 -14.62 6.93 17.37
CA ASN A 905 -14.59 6.23 16.09
C ASN A 905 -14.93 7.14 14.92
N LEU A 906 -15.93 8.00 15.11
CA LEU A 906 -16.27 9.00 14.12
C LEU A 906 -15.07 9.92 13.87
N LYS A 907 -14.42 10.33 14.95
CA LYS A 907 -13.24 11.20 14.84
C LYS A 907 -12.23 10.58 13.88
N GLN A 908 -12.02 9.28 13.97
CA GLN A 908 -11.07 8.64 13.05
C GLN A 908 -11.61 8.53 11.62
N GLU A 909 -12.91 8.23 11.51
CA GLU A 909 -13.57 8.18 10.20
C GLU A 909 -13.38 9.47 9.42
N VAL A 910 -13.55 10.61 10.11
CA VAL A 910 -13.43 11.90 9.47
C VAL A 910 -12.03 12.08 8.89
N THR A 911 -11.01 11.62 9.59
CA THR A 911 -9.65 11.73 9.08
C THR A 911 -9.47 10.83 7.86
N VAL A 912 -10.11 9.68 7.85
CA VAL A 912 -10.12 8.86 6.63
C VAL A 912 -10.69 9.68 5.47
N LEU A 913 -11.84 10.31 5.71
CA LEU A 913 -12.47 11.18 4.71
C LEU A 913 -11.48 12.21 4.22
N ARG A 914 -10.72 12.78 5.16
CA ARG A 914 -9.76 13.83 4.86
C ARG A 914 -8.68 13.34 3.91
N ASN A 915 -8.00 12.27 4.31
CA ASN A 915 -6.98 11.65 3.48
C ASN A 915 -7.48 11.34 2.08
N GLU A 916 -8.69 10.81 2.01
CA GLU A 916 -9.29 10.51 0.71
C GLU A 916 -9.46 11.77 -0.12
N LYS A 917 -9.91 12.85 0.53
CA LYS A 917 -10.05 14.14 -0.15
C LYS A 917 -8.70 14.57 -0.73
N ILE A 918 -7.65 14.36 0.04
CA ILE A 918 -6.29 14.68 -0.40
C ILE A 918 -5.89 13.89 -1.63
N ARG A 919 -6.09 12.57 -1.55
CA ARG A 919 -5.53 11.66 -2.54
C ARG A 919 -6.29 11.62 -3.85
N MET A 920 -7.40 12.34 -3.95
CA MET A 920 -8.17 12.38 -5.19
C MET A 920 -8.23 13.81 -5.74
N HIS A 921 -7.57 14.72 -5.06
CA HIS A 921 -7.43 16.11 -5.51
C HIS A 921 -6.32 16.21 -6.56
N VAL A 922 -6.71 16.44 -7.80
CA VAL A 922 -5.73 16.56 -8.88
C VAL A 922 -5.66 18.00 -9.38
N GLY A 923 -4.44 18.52 -9.48
CA GLY A 923 -4.22 19.88 -9.93
C GLY A 923 -3.32 20.65 -8.98
N THR A 924 -3.27 21.96 -9.15
CA THR A 924 -2.48 22.82 -8.28
C THR A 924 -3.34 23.91 -7.65
N ASP A 925 -3.81 23.64 -6.43
CA ASP A 925 -4.63 24.59 -5.68
C ASP A 925 -4.79 24.08 -4.26
N LYS A 926 -5.28 24.94 -3.37
CA LYS A 926 -5.60 24.52 -2.01
C LYS A 926 -6.64 23.41 -2.09
N VAL A 927 -6.52 22.42 -1.21
CA VAL A 927 -7.48 21.33 -1.23
C VAL A 927 -8.78 21.82 -0.61
N ASP A 928 -9.90 21.39 -1.18
CA ASP A 928 -11.20 21.81 -0.65
C ASP A 928 -11.63 20.89 0.49
N PHE A 929 -11.70 21.44 1.69
CA PHE A 929 -12.06 20.65 2.87
C PHE A 929 -13.41 21.08 3.44
N SER A 930 -14.12 21.93 2.72
CA SER A 930 -15.35 22.55 3.19
C SER A 930 -16.36 21.56 3.79
N ASP A 931 -16.50 20.39 3.17
CA ASP A 931 -17.48 19.41 3.63
C ASP A 931 -17.09 18.79 4.97
N VAL A 932 -15.81 18.50 5.15
CA VAL A 932 -15.35 17.89 6.40
C VAL A 932 -15.13 18.92 7.50
N GLU A 933 -15.13 20.19 7.15
CA GLU A 933 -15.06 21.24 8.16
C GLU A 933 -16.34 21.22 8.98
N LYS A 934 -17.48 21.16 8.30
CA LYS A 934 -18.77 21.11 8.95
C LYS A 934 -18.86 19.89 9.85
N LEU A 935 -18.40 18.77 9.33
CA LEU A 935 -18.39 17.51 10.07
C LEU A 935 -17.58 17.65 11.34
N GLU A 936 -16.37 18.19 11.21
CA GLU A 936 -15.47 18.35 12.34
C GLU A 936 -16.07 19.29 13.39
N GLN A 937 -16.77 20.31 12.94
CA GLN A 937 -17.43 21.24 13.86
C GLN A 937 -18.52 20.52 14.65
N GLN A 938 -19.31 19.71 13.94
CA GLN A 938 -20.33 18.89 14.59
C GLN A 938 -19.68 17.99 15.64
N ILE A 939 -18.56 17.38 15.26
CA ILE A 939 -17.78 16.55 16.18
C ILE A 939 -17.46 17.33 17.45
N GLN A 940 -16.98 18.56 17.28
CA GLN A 940 -16.67 19.41 18.42
C GLN A 940 -17.88 19.64 19.34
N VAL A 941 -18.98 20.09 18.76
CA VAL A 941 -20.19 20.37 19.53
C VAL A 941 -20.66 19.14 20.31
N ILE A 942 -20.84 18.03 19.60
CA ILE A 942 -21.31 16.81 20.24
C ILE A 942 -20.20 16.14 21.02
N ASP A 943 -19.04 16.78 21.11
CA ASP A 943 -18.01 16.32 22.04
C ASP A 943 -18.19 17.03 23.37
N THR A 944 -18.31 18.36 23.33
CA THR A 944 -18.51 19.12 24.56
C THR A 944 -19.82 18.74 25.25
N LYS A 945 -20.87 18.61 24.45
CA LYS A 945 -22.17 18.15 24.95
C LYS A 945 -22.02 16.85 25.74
N LEU A 946 -21.32 15.89 25.14
CA LEU A 946 -21.05 14.60 25.77
C LEU A 946 -20.22 14.74 27.03
N ALA A 947 -19.30 15.71 27.05
CA ALA A 947 -18.46 15.93 28.22
C ALA A 947 -19.26 16.39 29.42
N ASP A 948 -20.05 17.45 29.24
CA ASP A 948 -20.86 17.95 30.35
C ASP A 948 -21.88 16.89 30.76
N ALA A 949 -22.45 16.20 29.78
CA ALA A 949 -23.38 15.12 30.07
C ALA A 949 -22.72 14.06 30.96
N TYR A 950 -21.45 13.76 30.67
CA TYR A 950 -20.71 12.75 31.43
C TYR A 950 -20.46 13.20 32.87
N LEU A 951 -19.88 14.37 33.06
CA LEU A 951 -19.59 14.82 34.42
C LEU A 951 -20.89 14.95 35.23
N LEU A 952 -21.97 15.35 34.56
CA LEU A 952 -23.28 15.37 35.19
C LEU A 952 -23.69 13.97 35.66
N GLU A 953 -23.56 12.98 34.79
CA GLU A 953 -24.04 11.63 35.10
C GLU A 953 -23.20 10.94 36.18
N VAL A 954 -21.89 11.20 36.20
CA VAL A 954 -21.06 10.62 37.25
C VAL A 954 -21.35 11.33 38.57
N THR A 955 -21.69 12.62 38.48
CA THR A 955 -22.14 13.35 39.66
C THR A 955 -23.37 12.68 40.25
N LYS A 956 -24.40 12.51 39.42
CA LYS A 956 -25.62 11.82 39.85
C LYS A 956 -25.32 10.43 40.42
N GLN A 957 -24.32 9.76 39.85
CA GLN A 957 -23.98 8.42 40.32
C GLN A 957 -23.43 8.44 41.75
N ILE A 958 -22.44 9.30 41.98
CA ILE A 958 -21.85 9.34 43.32
C ILE A 958 -22.83 9.94 44.34
N SER A 959 -23.78 10.72 43.85
CA SER A 959 -24.83 11.26 44.71
C SER A 959 -25.76 10.14 45.14
N ALA A 960 -26.16 9.32 44.18
CA ALA A 960 -27.02 8.17 44.45
C ALA A 960 -26.34 7.18 45.38
N LEU A 961 -25.02 7.10 45.30
CA LEU A 961 -24.27 6.19 46.17
C LEU A 961 -24.36 6.55 47.66
N GLU A 962 -24.67 7.80 47.96
CA GLU A 962 -24.80 8.24 49.36
C GLU A 962 -26.25 8.61 49.68
N MET B 3 -31.09 25.16 60.44
CA MET B 3 -30.69 24.01 59.62
C MET B 3 -29.30 24.20 59.03
N GLN B 4 -28.57 23.10 58.86
CA GLN B 4 -27.25 23.14 58.27
C GLN B 4 -27.21 22.28 57.02
N ILE B 5 -26.65 22.79 55.93
CA ILE B 5 -26.49 21.97 54.72
C ILE B 5 -25.07 22.09 54.18
N PHE B 6 -24.65 21.09 53.41
CA PHE B 6 -23.32 21.09 52.84
C PHE B 6 -23.41 21.00 51.32
N VAL B 7 -22.56 21.73 50.61
CA VAL B 7 -22.48 21.59 49.16
C VAL B 7 -21.07 21.23 48.73
N LYS B 8 -20.96 20.21 47.90
CA LYS B 8 -19.68 19.70 47.44
C LYS B 8 -19.61 19.66 45.92
N THR B 9 -18.39 19.61 45.38
CA THR B 9 -18.19 19.48 43.95
C THR B 9 -17.22 18.34 43.73
N LEU B 10 -17.27 17.73 42.54
CA LEU B 10 -16.39 16.60 42.21
C LEU B 10 -14.92 16.99 42.31
N THR B 11 -14.64 18.29 42.18
CA THR B 11 -13.28 18.78 42.35
C THR B 11 -12.77 18.44 43.76
N GLY B 12 -13.69 18.28 44.71
CA GLY B 12 -13.35 17.84 46.04
C GLY B 12 -13.40 18.90 47.12
N LYS B 13 -13.73 20.12 46.74
CA LYS B 13 -13.85 21.20 47.71
C LYS B 13 -15.20 21.12 48.42
N THR B 14 -15.22 21.44 49.71
CA THR B 14 -16.45 21.45 50.47
C THR B 14 -16.82 22.84 50.98
N ILE B 15 -17.99 23.32 50.57
CA ILE B 15 -18.49 24.61 51.05
C ILE B 15 -19.67 24.34 51.97
N THR B 16 -19.64 24.94 53.17
CA THR B 16 -20.70 24.74 54.15
C THR B 16 -21.70 25.90 54.14
N LEU B 17 -22.97 25.59 54.01
CA LEU B 17 -23.99 26.63 53.86
C LEU B 17 -25.11 26.51 54.90
N GLU B 18 -25.75 27.62 55.24
CA GLU B 18 -26.84 27.59 56.23
C GLU B 18 -28.21 27.96 55.70
N VAL B 19 -29.20 27.11 55.90
CA VAL B 19 -30.57 27.46 55.54
C VAL B 19 -31.64 26.56 56.11
N GLU B 20 -32.87 26.96 55.88
CA GLU B 20 -34.03 26.24 56.34
C GLU B 20 -34.92 26.23 55.13
N PRO B 21 -36.01 25.48 55.17
CA PRO B 21 -36.73 25.21 53.94
C PRO B 21 -37.26 26.46 53.26
N SER B 22 -37.07 26.46 51.97
CA SER B 22 -37.59 27.49 51.14
C SER B 22 -38.08 26.76 49.93
N ASP B 23 -39.12 27.32 49.31
CA ASP B 23 -39.54 26.90 47.98
C ASP B 23 -38.59 27.58 47.03
N THR B 24 -38.58 27.13 45.78
CA THR B 24 -37.85 27.82 44.74
C THR B 24 -36.46 27.26 44.60
N ILE B 25 -36.26 26.53 43.52
CA ILE B 25 -34.94 26.11 43.14
C ILE B 25 -34.19 27.42 42.88
N GLU B 26 -34.89 28.38 42.31
CA GLU B 26 -34.23 29.62 42.01
C GLU B 26 -33.70 30.24 43.28
N ASN B 27 -34.52 30.26 44.32
CA ASN B 27 -34.12 31.01 45.51
C ASN B 27 -32.85 30.42 46.12
N VAL B 28 -32.77 29.10 46.14
CA VAL B 28 -31.58 28.40 46.62
C VAL B 28 -30.41 28.78 45.73
N LYS B 29 -30.70 28.83 44.43
CA LYS B 29 -29.73 29.26 43.43
C LYS B 29 -29.27 30.70 43.69
N ALA B 30 -30.20 31.53 44.14
CA ALA B 30 -29.90 32.91 44.50
C ALA B 30 -28.98 32.97 45.71
N LYS B 31 -29.24 32.11 46.69
CA LYS B 31 -28.41 32.07 47.89
C LYS B 31 -26.98 31.57 47.63
N ILE B 32 -26.83 30.56 46.78
CA ILE B 32 -25.50 30.11 46.39
C ILE B 32 -24.79 31.20 45.58
N GLN B 33 -25.57 32.00 44.85
CA GLN B 33 -25.00 33.11 44.08
C GLN B 33 -24.22 34.10 44.95
N ASP B 34 -24.75 34.37 46.15
CA ASP B 34 -24.14 35.32 47.10
C ASP B 34 -22.81 34.91 47.76
N LYS B 35 -22.61 33.62 48.01
CA LYS B 35 -21.52 33.16 48.90
C LYS B 35 -20.08 33.45 48.45
N GLU B 36 -19.70 33.03 47.25
CA GLU B 36 -18.29 33.10 46.86
C GLU B 36 -18.10 33.92 45.60
N GLY B 37 -19.15 34.64 45.21
CA GLY B 37 -19.12 35.47 44.03
C GLY B 37 -19.09 34.61 42.78
N ILE B 38 -19.74 33.46 42.86
CA ILE B 38 -19.87 32.56 41.72
C ILE B 38 -21.28 32.66 41.12
N PRO B 39 -21.34 32.99 39.81
CA PRO B 39 -22.58 33.16 39.05
C PRO B 39 -23.33 31.85 38.79
N PRO B 40 -24.66 31.86 38.94
CA PRO B 40 -25.51 30.69 38.71
C PRO B 40 -26.45 30.85 37.52
N ASP B 41 -25.92 30.83 36.30
CA ASP B 41 -26.77 31.02 35.12
C ASP B 41 -27.51 29.74 34.78
N GLN B 42 -26.94 28.61 35.21
CA GLN B 42 -27.51 27.30 34.94
C GLN B 42 -26.73 26.28 35.74
N GLN B 43 -27.07 26.19 37.02
CA GLN B 43 -26.40 25.29 37.95
C GLN B 43 -27.41 24.20 38.27
N ARG B 44 -26.93 22.99 38.49
CA ARG B 44 -27.80 21.85 38.61
C ARG B 44 -27.79 21.28 40.01
N LEU B 45 -28.94 20.77 40.43
CA LEU B 45 -29.08 20.23 41.75
C LEU B 45 -29.42 18.78 41.67
N ILE B 46 -28.57 17.99 42.28
CA ILE B 46 -28.83 16.58 42.37
C ILE B 46 -28.74 16.28 43.82
N PHE B 47 -29.73 15.61 44.35
CA PHE B 47 -29.59 14.91 45.59
C PHE B 47 -30.41 13.69 45.35
N ALA B 48 -30.07 12.61 46.01
CA ALA B 48 -30.68 11.35 45.68
C ALA B 48 -30.26 10.93 44.30
N GLY B 49 -29.16 11.52 43.84
CA GLY B 49 -28.61 11.30 42.53
C GLY B 49 -29.62 11.65 41.46
N LYS B 50 -30.39 12.67 41.72
CA LYS B 50 -31.43 13.03 40.82
C LYS B 50 -31.47 14.55 40.68
N GLN B 51 -31.87 15.03 39.52
CA GLN B 51 -31.97 16.46 39.23
C GLN B 51 -33.28 17.02 39.73
N LEU B 52 -33.26 18.27 40.20
CA LEU B 52 -34.45 18.91 40.74
C LEU B 52 -34.95 19.97 39.81
N GLU B 53 -36.19 19.82 39.33
CA GLU B 53 -36.74 20.72 38.33
C GLU B 53 -37.14 22.05 38.88
N ASP B 54 -37.42 22.98 38.00
CA ASP B 54 -37.75 24.31 38.41
C ASP B 54 -39.01 24.31 39.26
N GLY B 55 -38.96 25.14 40.29
CA GLY B 55 -40.11 25.54 41.07
C GLY B 55 -40.96 24.51 41.79
N ARG B 56 -40.37 23.48 42.39
CA ARG B 56 -41.14 22.66 43.31
C ARG B 56 -40.46 22.46 44.66
N THR B 57 -41.27 22.19 45.66
CA THR B 57 -40.84 22.36 47.03
C THR B 57 -39.66 21.48 47.33
N LEU B 58 -38.75 22.08 48.07
CA LEU B 58 -37.52 21.49 48.53
C LEU B 58 -37.85 20.35 49.43
N SER B 59 -38.86 20.57 50.24
CA SER B 59 -39.24 19.59 51.19
C SER B 59 -39.45 18.30 50.44
N ASP B 60 -40.13 18.40 49.31
CA ASP B 60 -40.38 17.17 48.60
C ASP B 60 -39.02 16.55 48.36
N TYR B 61 -38.97 15.24 48.49
CA TYR B 61 -37.74 14.48 48.40
C TYR B 61 -37.17 14.23 49.78
N ASN B 62 -37.76 14.80 50.82
CA ASN B 62 -37.18 14.72 52.15
C ASN B 62 -35.77 15.31 52.23
N ILE B 63 -35.57 16.48 51.65
CA ILE B 63 -34.32 17.19 51.84
C ILE B 63 -34.27 17.55 53.32
N GLN B 64 -33.08 17.55 53.92
CA GLN B 64 -32.94 17.70 55.39
C GLN B 64 -31.58 18.15 55.96
N LYS B 65 -31.50 18.41 57.26
CA LYS B 65 -30.36 19.09 57.87
C LYS B 65 -29.10 18.24 57.91
N GLU B 66 -27.95 18.90 57.81
CA GLU B 66 -26.63 18.29 57.97
C GLU B 66 -26.29 17.33 56.82
N SER B 67 -27.16 17.28 55.82
CA SER B 67 -26.92 16.47 54.63
C SER B 67 -25.83 17.10 53.77
N THR B 68 -25.38 16.37 52.76
CA THR B 68 -24.37 16.89 51.84
C THR B 68 -24.90 16.91 50.42
N LEU B 69 -24.55 17.96 49.67
CA LEU B 69 -25.02 18.10 48.30
C LEU B 69 -23.89 18.27 47.29
N HIS B 70 -24.16 17.89 46.04
CA HIS B 70 -23.20 18.09 44.98
C HIS B 70 -23.80 18.86 43.82
N LEU B 71 -23.40 20.11 43.65
CA LEU B 71 -23.98 20.93 42.59
C LEU B 71 -22.97 21.22 41.49
N VAL B 72 -23.34 20.94 40.24
CA VAL B 72 -22.45 21.22 39.12
C VAL B 72 -23.17 22.00 38.03
N LEU B 73 -22.44 22.88 37.35
CA LEU B 73 -23.00 23.69 36.27
C LEU B 73 -22.59 23.15 34.91
N MET C 3 23.03 -36.47 32.82
CA MET C 3 21.79 -35.79 32.48
C MET C 3 21.37 -36.16 31.06
N GLN C 4 20.07 -36.17 30.80
CA GLN C 4 19.58 -36.51 29.47
C GLN C 4 18.76 -35.37 28.84
N ILE C 5 19.01 -35.08 27.56
CA ILE C 5 18.25 -34.06 26.84
C ILE C 5 17.75 -34.59 25.50
N PHE C 6 16.74 -33.92 24.95
CA PHE C 6 16.15 -34.35 23.68
C PHE C 6 16.32 -33.25 22.64
N VAL C 7 16.59 -33.61 21.39
CA VAL C 7 16.66 -32.63 20.31
C VAL C 7 15.70 -32.97 19.16
N LYS C 8 14.99 -31.98 18.64
CA LYS C 8 14.03 -32.22 17.58
C LYS C 8 14.40 -31.44 16.32
N THR C 9 13.93 -31.90 15.17
CA THR C 9 14.25 -31.26 13.89
C THR C 9 13.00 -31.01 13.05
N LEU C 10 13.07 -30.03 12.16
CA LEU C 10 11.97 -29.68 11.27
C LEU C 10 11.53 -30.85 10.38
N THR C 11 12.46 -31.75 10.11
CA THR C 11 12.13 -32.97 9.37
C THR C 11 11.14 -33.81 10.17
N GLY C 12 11.13 -33.62 11.49
CA GLY C 12 10.17 -34.28 12.36
C GLY C 12 10.82 -35.40 13.14
N LYS C 13 12.11 -35.60 12.91
CA LYS C 13 12.88 -36.63 13.62
C LYS C 13 13.31 -36.14 15.00
N THR C 14 13.27 -37.05 15.97
CA THR C 14 13.73 -36.75 17.33
C THR C 14 14.95 -37.58 17.70
N ILE C 15 16.04 -36.90 18.04
CA ILE C 15 17.27 -37.57 18.46
C ILE C 15 17.46 -37.38 19.96
N THR C 16 17.76 -38.47 20.65
CA THR C 16 17.93 -38.44 22.10
C THR C 16 19.41 -38.37 22.45
N LEU C 17 19.76 -37.40 23.30
CA LEU C 17 21.16 -37.12 23.60
C LEU C 17 21.48 -37.17 25.10
N GLU C 18 22.70 -37.60 25.41
CA GLU C 18 23.15 -37.72 26.80
C GLU C 18 24.33 -36.77 27.06
N VAL C 19 24.15 -35.85 28.01
CA VAL C 19 25.15 -34.81 28.30
C VAL C 19 25.22 -34.49 29.79
N GLU C 20 26.19 -33.67 30.16
CA GLU C 20 26.30 -33.18 31.52
C GLU C 20 25.68 -31.79 31.53
N PRO C 21 25.41 -31.22 32.71
CA PRO C 21 24.93 -29.84 32.78
C PRO C 21 25.96 -28.84 32.23
N SER C 22 27.05 -29.35 31.73
CA SER C 22 28.13 -28.44 31.51
C SER C 22 28.80 -28.60 30.17
N ASP C 23 29.67 -27.64 29.88
CA ASP C 23 30.54 -27.67 28.74
C ASP C 23 29.83 -27.12 27.52
N THR C 24 30.55 -27.04 26.41
CA THR C 24 30.18 -26.22 25.30
C THR C 24 28.90 -26.63 24.64
N ILE C 25 28.27 -25.64 24.04
CA ILE C 25 27.31 -25.85 22.95
C ILE C 25 27.92 -26.57 21.75
N GLU C 26 29.12 -26.15 21.36
CA GLU C 26 29.82 -26.73 20.20
C GLU C 26 30.04 -28.22 20.41
N ASN C 27 30.21 -28.62 21.65
CA ASN C 27 30.34 -30.03 21.98
C ASN C 27 29.01 -30.74 21.72
N VAL C 28 27.91 -30.09 22.09
CA VAL C 28 26.58 -30.66 21.84
C VAL C 28 26.33 -30.84 20.34
N LYS C 29 26.67 -29.82 19.56
CA LYS C 29 26.55 -29.89 18.10
C LYS C 29 27.45 -31.01 17.56
N ALA C 30 28.58 -31.21 18.21
CA ALA C 30 29.49 -32.29 17.85
C ALA C 30 28.85 -33.65 18.11
N LYS C 31 28.12 -33.76 19.22
CA LYS C 31 27.42 -34.98 19.58
C LYS C 31 26.34 -35.27 18.55
N ILE C 32 25.68 -34.22 18.09
CA ILE C 32 24.70 -34.35 17.02
C ILE C 32 25.40 -34.80 15.73
N GLN C 33 26.62 -34.32 15.52
CA GLN C 33 27.42 -34.70 14.36
C GLN C 33 27.76 -36.19 14.39
N ASP C 34 28.11 -36.68 15.57
CA ASP C 34 28.48 -38.08 15.73
C ASP C 34 27.25 -38.95 15.53
N LYS C 35 26.13 -38.45 16.04
CA LYS C 35 24.88 -39.20 16.00
C LYS C 35 24.36 -39.33 14.58
N GLU C 36 24.19 -38.19 13.92
CA GLU C 36 23.47 -38.15 12.65
C GLU C 36 24.29 -37.57 11.48
N GLY C 37 25.57 -37.35 11.69
CA GLY C 37 26.45 -36.86 10.65
C GLY C 37 26.21 -35.44 10.17
N ILE C 38 25.76 -34.55 11.07
CA ILE C 38 25.57 -33.15 10.69
C ILE C 38 26.69 -32.26 11.22
N PRO C 39 27.37 -31.53 10.33
CA PRO C 39 28.48 -30.66 10.70
C PRO C 39 28.02 -29.43 11.51
N PRO C 40 28.78 -29.10 12.57
CA PRO C 40 28.47 -28.01 13.52
C PRO C 40 28.39 -26.61 12.91
N ASP C 41 28.92 -26.42 11.70
CA ASP C 41 28.89 -25.10 11.09
C ASP C 41 27.52 -24.84 10.46
N GLN C 42 26.79 -25.92 10.17
CA GLN C 42 25.49 -25.82 9.54
C GLN C 42 24.32 -25.83 10.50
N GLN C 43 24.55 -26.21 11.75
CA GLN C 43 23.44 -26.37 12.68
C GLN C 43 23.38 -25.35 13.82
N ARG C 44 22.16 -24.88 14.08
CA ARG C 44 21.87 -23.96 15.17
C ARG C 44 20.89 -24.59 16.16
N LEU C 45 21.08 -24.30 17.44
CA LEU C 45 20.25 -24.88 18.50
C LEU C 45 19.46 -23.81 19.24
N ILE C 46 18.16 -24.07 19.44
CA ILE C 46 17.27 -23.11 20.05
C ILE C 46 16.58 -23.76 21.25
N PHE C 47 16.26 -22.96 22.26
CA PHE C 47 15.51 -23.45 23.41
C PHE C 47 14.50 -22.42 23.91
N ALA C 48 13.24 -22.82 23.96
CA ALA C 48 12.12 -21.91 24.25
C ALA C 48 12.25 -20.60 23.47
N GLY C 49 12.16 -20.70 22.15
CA GLY C 49 12.21 -19.53 21.28
C GLY C 49 13.47 -18.69 21.34
N LYS C 50 14.54 -19.21 21.95
CA LYS C 50 15.76 -18.42 22.10
C LYS C 50 16.99 -19.20 21.65
N GLN C 51 17.91 -18.50 20.97
CA GLN C 51 19.08 -19.12 20.38
C GLN C 51 20.26 -19.23 21.34
N LEU C 52 20.93 -20.37 21.31
CA LEU C 52 22.08 -20.61 22.18
C LEU C 52 23.38 -20.28 21.45
N GLU C 53 24.12 -19.31 21.96
CA GLU C 53 25.40 -18.92 21.39
C GLU C 53 26.50 -19.93 21.78
N ASP C 54 27.46 -20.11 20.88
CA ASP C 54 28.53 -21.08 21.09
C ASP C 54 29.45 -20.67 22.25
N GLY C 55 30.03 -21.66 22.91
CA GLY C 55 30.97 -21.43 23.99
C GLY C 55 30.36 -21.30 25.37
N ARG C 56 29.07 -21.05 25.45
CA ARG C 56 28.43 -20.94 26.76
C ARG C 56 27.93 -22.30 27.22
N THR C 57 27.86 -22.48 28.54
CA THR C 57 27.42 -23.73 29.13
C THR C 57 25.91 -23.80 29.25
N LEU C 58 25.36 -25.01 29.24
CA LEU C 58 23.93 -25.21 29.42
C LEU C 58 23.53 -24.66 30.78
N SER C 59 24.47 -24.71 31.73
CA SER C 59 24.30 -24.16 33.06
C SER C 59 24.02 -22.65 33.01
N ASP C 60 24.65 -21.97 32.06
CA ASP C 60 24.42 -20.55 31.83
C ASP C 60 22.99 -20.32 31.36
N TYR C 61 22.58 -21.05 30.32
CA TYR C 61 21.24 -20.93 29.75
C TYR C 61 20.15 -21.60 30.58
N ASN C 62 20.55 -22.21 31.69
CA ASN C 62 19.62 -22.89 32.59
C ASN C 62 18.87 -24.05 31.93
N ILE C 63 19.61 -24.83 31.14
CA ILE C 63 19.07 -26.04 30.55
C ILE C 63 19.00 -27.14 31.61
N GLN C 64 17.91 -27.90 31.63
CA GLN C 64 17.70 -28.87 32.70
C GLN C 64 17.44 -30.25 32.10
N LYS C 65 17.37 -31.26 32.97
CA LYS C 65 17.15 -32.63 32.50
C LYS C 65 15.79 -32.78 31.84
N GLU C 66 15.74 -33.66 30.84
CA GLU C 66 14.51 -34.06 30.16
C GLU C 66 13.88 -32.95 29.34
N SER C 67 14.55 -31.80 29.25
CA SER C 67 14.06 -30.70 28.44
C SER C 67 14.21 -31.01 26.96
N THR C 68 13.63 -30.18 26.11
CA THR C 68 13.72 -30.37 24.66
C THR C 68 14.37 -29.18 23.96
N LEU C 69 15.10 -29.48 22.88
CA LEU C 69 15.83 -28.50 22.10
C LEU C 69 15.35 -28.54 20.66
N HIS C 70 15.56 -27.44 19.95
CA HIS C 70 15.13 -27.36 18.56
C HIS C 70 16.31 -27.06 17.63
N LEU C 71 16.59 -27.99 16.74
CA LEU C 71 17.76 -27.89 15.87
C LEU C 71 17.39 -27.51 14.43
N VAL C 72 18.06 -26.51 13.89
CA VAL C 72 17.74 -26.01 12.56
C VAL C 72 19.02 -25.98 11.77
N LEU C 73 18.92 -26.01 10.46
CA LEU C 73 20.10 -26.00 9.64
C LEU C 73 20.19 -24.77 8.79
N ARG C 74 21.26 -24.02 8.92
CA ARG C 74 21.42 -22.79 8.18
C ARG C 74 22.65 -22.96 7.35
N LEU C 75 22.66 -22.46 6.13
CA LEU C 75 23.85 -22.57 5.33
C LEU C 75 23.89 -21.47 4.27
N ARG C 76 25.07 -21.06 3.89
CA ARG C 76 25.26 -19.94 3.00
C ARG C 76 24.82 -20.40 1.66
N GLY C 77 24.51 -19.46 0.78
CA GLY C 77 23.95 -19.74 -0.51
C GLY C 77 24.67 -20.51 -1.59
N GLY C 78 25.94 -20.21 -1.80
CA GLY C 78 26.63 -20.79 -2.94
C GLY C 78 25.84 -20.61 -4.21
N SER D 1 52.82 66.22 -30.90
CA SER D 1 54.21 65.87 -30.65
C SER D 1 54.53 64.49 -31.20
N HIS D 2 55.61 63.89 -30.70
CA HIS D 2 56.04 62.58 -31.16
C HIS D 2 55.08 61.48 -30.69
N MET D 3 54.96 60.43 -31.48
CA MET D 3 54.01 59.36 -31.20
C MET D 3 54.40 58.09 -31.93
N GLN D 4 53.98 56.94 -31.42
CA GLN D 4 54.30 55.69 -32.09
C GLN D 4 53.01 55.01 -32.57
N ILE D 5 53.05 54.52 -33.80
CA ILE D 5 51.91 53.83 -34.40
C ILE D 5 52.34 52.48 -34.96
N PHE D 6 51.38 51.61 -35.22
CA PHE D 6 51.68 50.27 -35.70
C PHE D 6 51.17 50.04 -37.11
N VAL D 7 51.96 49.29 -37.87
CA VAL D 7 51.58 48.87 -39.22
C VAL D 7 51.57 47.35 -39.23
N LYS D 8 50.53 46.76 -39.80
CA LYS D 8 50.40 45.31 -39.76
C LYS D 8 50.44 44.78 -41.18
N THR D 9 50.76 43.50 -41.33
CA THR D 9 50.82 42.92 -42.66
C THR D 9 49.98 41.66 -42.71
N LEU D 10 49.47 41.34 -43.89
CA LEU D 10 48.65 40.16 -44.07
C LEU D 10 49.48 38.92 -43.74
N THR D 11 50.79 39.01 -43.99
CA THR D 11 51.74 37.96 -43.63
C THR D 11 51.81 37.74 -42.12
N GLY D 12 51.43 38.76 -41.35
CA GLY D 12 51.34 38.66 -39.91
C GLY D 12 52.38 39.40 -39.08
N LYS D 13 53.30 40.09 -39.73
CA LYS D 13 54.27 40.88 -39.00
C LYS D 13 53.70 42.22 -38.55
N THR D 14 54.08 42.66 -37.36
CA THR D 14 53.68 43.96 -36.84
C THR D 14 54.90 44.84 -36.71
N ILE D 15 54.86 45.99 -37.39
CA ILE D 15 55.96 46.94 -37.38
C ILE D 15 55.61 48.17 -36.58
N THR D 16 56.50 48.55 -35.66
CA THR D 16 56.27 49.72 -34.83
C THR D 16 57.07 50.90 -35.38
N LEU D 17 56.37 52.01 -35.60
CA LEU D 17 56.96 53.18 -36.25
C LEU D 17 56.82 54.40 -35.36
N GLU D 18 57.81 55.29 -35.45
CA GLU D 18 57.78 56.50 -34.64
C GLU D 18 57.64 57.69 -35.58
N VAL D 19 56.53 58.41 -35.42
CA VAL D 19 56.20 59.53 -36.28
C VAL D 19 55.48 60.62 -35.51
N GLU D 20 55.43 61.81 -36.09
CA GLU D 20 54.61 62.89 -35.57
C GLU D 20 53.48 63.16 -36.57
N PRO D 21 52.46 63.94 -36.16
CA PRO D 21 51.54 64.38 -37.22
C PRO D 21 52.31 65.29 -38.18
N SER D 22 51.72 65.56 -39.35
CA SER D 22 52.31 66.38 -40.43
C SER D 22 53.33 65.60 -41.27
N ASP D 23 53.50 64.32 -40.97
CA ASP D 23 54.20 63.42 -41.88
C ASP D 23 53.23 63.00 -42.97
N THR D 24 53.71 62.92 -44.20
CA THR D 24 52.82 62.50 -45.28
C THR D 24 52.75 60.98 -45.26
N ILE D 25 51.85 60.43 -46.06
CA ILE D 25 51.75 58.99 -46.19
C ILE D 25 53.00 58.43 -46.86
N GLU D 26 53.47 59.09 -47.92
CA GLU D 26 54.69 58.66 -48.60
C GLU D 26 55.89 58.68 -47.67
N ASN D 27 55.86 59.60 -46.71
CA ASN D 27 56.90 59.70 -45.68
C ASN D 27 56.87 58.46 -44.79
N VAL D 28 55.65 58.07 -44.41
CA VAL D 28 55.47 56.88 -43.60
C VAL D 28 55.95 55.64 -44.36
N LYS D 29 55.63 55.58 -45.65
CA LYS D 29 56.10 54.49 -46.50
C LYS D 29 57.63 54.46 -46.55
N ALA D 30 58.25 55.64 -46.51
CA ALA D 30 59.71 55.72 -46.49
C ALA D 30 60.26 55.16 -45.18
N LYS D 31 59.57 55.46 -44.08
CA LYS D 31 59.99 54.94 -42.78
C LYS D 31 59.86 53.42 -42.78
N ILE D 32 58.82 52.92 -43.45
CA ILE D 32 58.65 51.49 -43.65
C ILE D 32 59.76 50.93 -44.52
N GLN D 33 60.25 51.73 -45.48
CA GLN D 33 61.36 51.30 -46.32
C GLN D 33 62.58 51.07 -45.46
N ASP D 34 62.84 51.98 -44.52
CA ASP D 34 63.98 51.79 -43.63
C ASP D 34 63.76 50.62 -42.70
N LYS D 35 62.53 50.43 -42.25
CA LYS D 35 62.20 49.40 -41.27
C LYS D 35 62.30 47.97 -41.81
N GLU D 36 61.58 47.70 -42.90
CA GLU D 36 61.41 46.33 -43.34
C GLU D 36 61.86 46.06 -44.77
N GLY D 37 62.49 47.04 -45.41
CA GLY D 37 63.00 46.84 -46.76
C GLY D 37 61.92 46.69 -47.80
N ILE D 38 60.80 47.38 -47.64
CA ILE D 38 59.72 47.36 -48.62
C ILE D 38 59.76 48.62 -49.46
N PRO D 39 59.79 48.48 -50.79
CA PRO D 39 59.84 49.71 -51.59
C PRO D 39 58.51 50.46 -51.48
N PRO D 40 58.57 51.78 -51.29
CA PRO D 40 57.40 52.65 -51.12
C PRO D 40 56.49 52.61 -52.35
N ASP D 41 57.03 52.08 -53.44
CA ASP D 41 56.34 51.97 -54.71
C ASP D 41 55.36 50.81 -54.74
N GLN D 42 55.48 49.89 -53.77
CA GLN D 42 54.62 48.71 -53.76
C GLN D 42 53.80 48.65 -52.49
N GLN D 43 53.54 49.80 -51.88
CA GLN D 43 52.81 49.81 -50.62
C GLN D 43 51.44 50.48 -50.66
N ARG D 44 50.46 49.83 -50.06
CA ARG D 44 49.18 50.46 -49.80
C ARG D 44 48.98 50.46 -48.29
N LEU D 45 48.46 51.56 -47.78
CA LEU D 45 48.21 51.68 -46.35
C LEU D 45 46.72 51.90 -46.16
N ILE D 46 46.11 51.15 -45.25
CA ILE D 46 44.67 51.25 -45.08
C ILE D 46 44.40 51.59 -43.63
N PHE D 47 43.40 52.44 -43.41
CA PHE D 47 43.00 52.79 -42.05
C PHE D 47 41.49 52.98 -42.01
N ALA D 48 40.84 52.22 -41.14
CA ALA D 48 39.37 52.14 -41.09
C ALA D 48 38.71 52.09 -42.47
N GLY D 49 38.95 50.98 -43.17
CA GLY D 49 38.34 50.74 -44.47
C GLY D 49 38.67 51.72 -45.58
N LYS D 50 39.70 52.54 -45.39
CA LYS D 50 40.02 53.57 -46.38
C LYS D 50 41.48 53.55 -46.80
N GLN D 51 41.75 53.76 -48.09
CA GLN D 51 43.12 53.71 -48.60
C GLN D 51 43.78 55.07 -48.44
N LEU D 52 45.04 55.09 -48.01
CA LEU D 52 45.72 56.35 -47.76
C LEU D 52 46.56 56.79 -48.95
N GLU D 53 46.20 57.93 -49.54
CA GLU D 53 46.97 58.50 -50.64
C GLU D 53 48.21 59.20 -50.10
N ASP D 54 49.25 59.23 -50.92
CA ASP D 54 50.57 59.69 -50.50
C ASP D 54 50.64 61.14 -50.06
N GLY D 55 49.84 62.00 -50.70
CA GLY D 55 49.90 63.40 -50.38
C GLY D 55 49.33 63.90 -49.06
N ARG D 56 48.42 63.14 -48.42
CA ARG D 56 47.82 63.65 -47.19
C ARG D 56 48.63 63.29 -45.95
N THR D 57 48.50 64.14 -44.93
CA THR D 57 49.19 63.98 -43.66
C THR D 57 48.39 63.09 -42.71
N LEU D 58 49.05 62.61 -41.67
CA LEU D 58 48.41 61.75 -40.67
C LEU D 58 47.24 62.46 -39.97
N SER D 59 47.35 63.76 -39.80
CA SER D 59 46.28 64.56 -39.18
C SER D 59 44.96 64.52 -39.95
N ASP D 60 45.04 64.51 -41.28
CA ASP D 60 43.86 64.44 -42.14
C ASP D 60 43.08 63.14 -42.01
N TYR D 61 43.71 62.10 -41.50
CA TYR D 61 43.07 60.81 -41.35
C TYR D 61 42.70 60.52 -39.89
N ASN D 62 43.05 61.46 -39.01
CA ASN D 62 42.81 61.32 -37.58
C ASN D 62 43.48 60.08 -37.02
N ILE D 63 44.69 59.80 -37.51
CA ILE D 63 45.50 58.73 -36.96
C ILE D 63 46.10 59.23 -35.66
N GLN D 64 46.05 58.40 -34.62
CA GLN D 64 46.46 58.83 -33.30
C GLN D 64 47.45 57.82 -32.73
N LYS D 65 47.95 58.09 -31.53
CA LYS D 65 48.92 57.19 -30.91
C LYS D 65 48.33 55.81 -30.70
N GLU D 66 49.16 54.79 -30.85
CA GLU D 66 48.78 53.39 -30.57
C GLU D 66 47.74 52.87 -31.58
N SER D 67 47.47 53.64 -32.63
CA SER D 67 46.54 53.19 -33.66
C SER D 67 47.12 52.05 -34.47
N THR D 68 46.28 51.42 -35.29
CA THR D 68 46.74 50.34 -36.14
C THR D 68 46.48 50.64 -37.61
N LEU D 69 47.42 50.22 -38.46
CA LEU D 69 47.34 50.44 -39.89
C LEU D 69 47.46 49.10 -40.60
N HIS D 70 46.94 49.00 -41.83
CA HIS D 70 47.05 47.75 -42.56
C HIS D 70 47.78 47.93 -43.86
N LEU D 71 48.91 47.26 -43.98
CA LEU D 71 49.78 47.41 -45.13
C LEU D 71 49.59 46.24 -46.08
N VAL D 72 49.39 46.58 -47.34
CA VAL D 72 49.16 45.61 -48.38
C VAL D 72 50.17 45.83 -49.49
N LEU D 73 50.53 44.77 -50.21
CA LEU D 73 51.52 44.91 -51.26
C LEU D 73 50.84 45.02 -52.61
N ARG D 74 50.94 46.20 -53.21
CA ARG D 74 50.39 46.46 -54.52
C ARG D 74 51.52 46.33 -55.54
N LEU D 75 51.85 45.09 -55.84
CA LEU D 75 52.87 44.79 -56.84
C LEU D 75 52.28 45.11 -58.21
N ARG D 76 53.09 45.01 -59.26
CA ARG D 76 52.65 45.28 -60.63
C ARG D 76 52.09 46.71 -60.75
N GLY D 77 52.58 47.60 -59.91
CA GLY D 77 52.21 49.00 -59.96
C GLY D 77 52.96 49.87 -58.97
N GLY D 78 53.06 51.15 -59.28
CA GLY D 78 53.76 52.10 -58.41
C GLY D 78 52.86 52.75 -57.39
#